data_5GKR
#
_entry.id   5GKR
#
_cell.length_a   147.515
_cell.length_b   147.515
_cell.length_c   112.807
_cell.angle_alpha   90.00
_cell.angle_beta   90.00
_cell.angle_gamma   120.00
#
_symmetry.space_group_name_H-M   'H 3'
#
loop_
_entity.id
_entity.type
_entity.pdbx_description
1 polymer 'IgG2, Fab (heavy chain)'
2 polymer 'lambda, Fab (light chain)'
3 polymer "DNA (5'-D(P*TP*TP*TP*T)-3')"
4 water water
#
loop_
_entity_poly.entity_id
_entity_poly.type
_entity_poly.pdbx_seq_one_letter_code
_entity_poly.pdbx_strand_id
1 'polypeptide(L)'
;QVQLQESGPGLVKSSETLSLTCTVSGGSISSYFWSWIRQPPGKGLEWIGYIYYSGSTNYNPSLKSRVTISLHTSKNQFSL
KLSSVTAADTAVYYCARHRNWLFDYWGQGTLVTVSSASTKGPSVFPLAPSSKSTSGGTAALGCLVKDYFPEPVTVSWNSG
ALTSGVHTFPAVLQSSGLYSLSSVVTVPSSSLGTQTYTCNVDHKPSNTKVDKTVERKC
;
A,C
2 'polypeptide(L)'
;QSALTQPRSVSGSPGQSVTISCTGTSSDVGGYNYVSWYQQHPGKAPKVMIYDVSKRPSGVPDRFSGSKSGNTASLTISGL
QAEDEADYYCCSYAGSYTYVFGTGTKVTVLGQPKANPTVTLFPPSSEELQANKATLVCLISDFYPGAVTVAWKADGSPVK
AGVETTKPSKQSNNKYAASSYLSLTPEQWKSHRSYSCQVTHEGSTVEKTVAPTECS
;
B,D
3 'polydeoxyribonucleotide' (DT)(DT)(DT)(DT) T
#
# COMPACT_ATOMS: atom_id res chain seq x y z
N VAL A 2 -4.35 33.77 -1.22
CA VAL A 2 -4.96 32.69 -0.38
C VAL A 2 -3.93 32.17 0.61
N GLN A 3 -4.38 31.96 1.84
CA GLN A 3 -3.46 31.78 2.95
C GLN A 3 -4.11 31.08 4.15
N LEU A 4 -3.36 30.14 4.73
CA LEU A 4 -3.74 29.39 5.91
C LEU A 4 -2.73 29.64 7.01
N GLN A 5 -3.20 29.79 8.25
CA GLN A 5 -2.33 29.97 9.40
C GLN A 5 -2.91 29.35 10.67
N GLU A 6 -2.06 28.66 11.42
CA GLU A 6 -2.46 27.94 12.64
C GLU A 6 -2.41 28.89 13.82
N SER A 7 -3.40 28.78 14.71
CA SER A 7 -3.42 29.51 15.99
C SER A 7 -3.76 28.55 17.14
N GLY A 8 -3.28 28.88 18.34
CA GLY A 8 -3.64 28.06 19.52
C GLY A 8 -2.40 27.83 20.35
N PRO A 9 -2.54 27.16 21.51
CA PRO A 9 -1.39 27.17 22.42
C PRO A 9 -0.21 26.33 21.99
N GLY A 10 0.99 26.82 22.33
CA GLY A 10 2.24 26.13 22.16
C GLY A 10 2.59 25.07 23.21
N LEU A 11 1.93 25.08 24.36
CA LEU A 11 2.17 24.11 25.44
C LEU A 11 0.83 23.52 25.91
N VAL A 12 0.72 22.20 25.82
CA VAL A 12 -0.42 21.45 26.33
C VAL A 12 0.03 20.46 27.40
N LYS A 13 -0.84 20.18 28.37
CA LYS A 13 -0.54 19.23 29.43
C LYS A 13 -0.76 17.80 28.95
N SER A 14 0.01 16.88 29.51
CA SER A 14 -0.11 15.45 29.21
C SER A 14 -1.50 14.94 29.59
N SER A 15 -2.01 14.02 28.78
CA SER A 15 -3.35 13.41 28.94
C SER A 15 -4.53 14.39 28.77
N GLU A 16 -4.30 15.55 28.16
CA GLU A 16 -5.37 16.50 27.86
C GLU A 16 -5.53 16.57 26.35
N THR A 17 -6.40 17.45 25.88
CA THR A 17 -6.72 17.58 24.48
C THR A 17 -5.98 18.78 23.87
N LEU A 18 -5.24 18.51 22.79
CA LEU A 18 -4.57 19.54 22.00
C LEU A 18 -5.56 20.12 21.01
N SER A 19 -5.70 21.45 21.01
CA SER A 19 -6.64 22.17 20.15
C SER A 19 -5.93 23.20 19.32
N LEU A 20 -6.11 23.14 18.02
CA LEU A 20 -5.60 24.16 17.10
C LEU A 20 -6.67 24.56 16.11
N THR A 21 -6.57 25.80 15.65
CA THR A 21 -7.44 26.33 14.63
C THR A 21 -6.63 26.85 13.46
N CYS A 22 -7.11 26.61 12.26
CA CYS A 22 -6.56 27.16 11.05
C CYS A 22 -7.52 28.19 10.49
N THR A 23 -7.04 29.40 10.23
CA THR A 23 -7.86 30.46 9.64
C THR A 23 -7.41 30.69 8.21
N VAL A 24 -8.37 30.61 7.30
CA VAL A 24 -8.14 30.80 5.89
C VAL A 24 -8.49 32.24 5.55
N SER A 25 -7.59 32.91 4.85
CA SER A 25 -7.80 34.29 4.38
C SER A 25 -7.54 34.39 2.90
N GLY A 26 -8.25 35.32 2.25
CA GLY A 26 -8.18 35.53 0.81
C GLY A 26 -8.87 34.46 -0.02
N GLY A 27 -9.66 33.61 0.64
CA GLY A 27 -10.31 32.47 -0.02
C GLY A 27 -11.34 31.90 0.94
N SER A 28 -12.31 31.16 0.40
CA SER A 28 -13.36 30.53 1.22
C SER A 28 -12.98 29.09 1.51
N ILE A 29 -13.77 28.46 2.38
CA ILE A 29 -13.64 27.04 2.67
C ILE A 29 -14.80 26.23 2.10
N SER A 30 -15.44 26.76 1.06
CA SER A 30 -16.63 26.17 0.44
C SER A 30 -16.27 25.20 -0.71
N SER A 31 -14.98 24.94 -0.90
CA SER A 31 -14.51 23.84 -1.74
C SER A 31 -13.36 23.10 -1.08
N TYR A 32 -12.98 21.98 -1.68
CA TYR A 32 -11.72 21.30 -1.39
C TYR A 32 -11.70 20.60 -0.04
N PHE A 33 -10.56 19.97 0.27
CA PHE A 33 -10.28 19.37 1.56
C PHE A 33 -9.36 20.26 2.38
N TRP A 34 -9.45 20.09 3.69
CA TRP A 34 -8.77 20.94 4.66
C TRP A 34 -8.11 20.03 5.67
N SER A 35 -6.79 20.13 5.78
CA SER A 35 -5.98 19.05 6.33
C SER A 35 -5.04 19.52 7.44
N TRP A 36 -4.68 18.55 8.29
CA TRP A 36 -3.68 18.71 9.33
C TRP A 36 -2.57 17.66 9.13
N ILE A 37 -1.33 18.11 9.24
CA ILE A 37 -0.13 17.27 9.12
C ILE A 37 0.76 17.71 10.27
N ARG A 38 1.48 16.78 10.89
CA ARG A 38 2.44 17.13 11.93
C ARG A 38 3.83 16.61 11.64
N GLN A 39 4.79 17.16 12.38
CA GLN A 39 6.20 16.84 12.21
C GLN A 39 6.90 16.96 13.56
N PRO A 40 7.19 15.81 14.22
CA PRO A 40 7.97 15.89 15.46
C PRO A 40 9.35 16.52 15.21
N PRO A 41 9.92 17.23 16.21
CA PRO A 41 11.18 17.95 15.96
C PRO A 41 12.29 17.04 15.44
N GLY A 42 12.87 17.40 14.30
CA GLY A 42 13.91 16.60 13.65
C GLY A 42 13.47 15.30 12.97
N LYS A 43 12.16 15.09 12.80
CA LYS A 43 11.64 13.84 12.25
C LYS A 43 10.79 14.12 10.99
N GLY A 44 10.09 13.12 10.47
CA GLY A 44 9.32 13.26 9.22
C GLY A 44 7.89 13.74 9.38
N LEU A 45 7.25 13.99 8.24
CA LEU A 45 5.85 14.44 8.21
C LEU A 45 4.93 13.27 8.48
N GLU A 46 3.83 13.54 9.18
CA GLU A 46 2.80 12.54 9.48
C GLU A 46 1.44 13.16 9.22
N TRP A 47 0.69 12.57 8.30
CA TRP A 47 -0.66 13.02 7.97
C TRP A 47 -1.59 12.68 9.14
N ILE A 48 -2.38 13.65 9.58
CA ILE A 48 -3.33 13.45 10.69
C ILE A 48 -4.73 13.19 10.13
N GLY A 49 -5.16 14.00 9.18
CA GLY A 49 -6.47 13.83 8.56
C GLY A 49 -6.86 15.02 7.70
N TYR A 50 -8.02 14.91 7.06
CA TYR A 50 -8.62 16.06 6.41
C TYR A 50 -10.13 16.03 6.48
N ILE A 51 -10.72 17.19 6.22
CA ILE A 51 -12.16 17.35 6.19
C ILE A 51 -12.54 17.93 4.83
N TYR A 52 -13.56 17.36 4.21
CA TYR A 52 -14.08 17.90 2.94
C TYR A 52 -15.00 19.07 3.29
N TYR A 53 -15.19 20.00 2.37
CA TYR A 53 -15.99 21.21 2.65
C TYR A 53 -17.43 20.90 3.09
N SER A 54 -17.95 19.75 2.65
CA SER A 54 -19.29 19.30 3.02
C SER A 54 -19.40 18.69 4.43
N GLY A 55 -18.27 18.46 5.10
CA GLY A 55 -18.27 17.97 6.49
C GLY A 55 -17.70 16.58 6.73
N SER A 56 -17.60 15.75 5.69
CA SER A 56 -17.02 14.40 5.82
C SER A 56 -15.59 14.46 6.35
N THR A 57 -15.31 13.68 7.39
CA THR A 57 -13.98 13.63 7.98
C THR A 57 -13.32 12.29 7.68
N ASN A 58 -12.00 12.33 7.48
CA ASN A 58 -11.19 11.12 7.26
C ASN A 58 -9.85 11.33 7.94
N TYR A 59 -9.50 10.39 8.83
CA TYR A 59 -8.31 10.52 9.68
C TYR A 59 -7.33 9.39 9.41
N ASN A 60 -6.08 9.62 9.82
CA ASN A 60 -5.06 8.59 9.84
C ASN A 60 -5.55 7.42 10.73
N PRO A 61 -5.59 6.19 10.20
CA PRO A 61 -6.09 5.03 10.97
C PRO A 61 -5.43 4.79 12.33
N SER A 62 -4.15 5.15 12.48
CA SER A 62 -3.46 4.95 13.76
C SER A 62 -3.84 6.04 14.80
N LEU A 63 -4.39 7.16 14.36
CA LEU A 63 -4.81 8.26 15.24
C LEU A 63 -6.35 8.44 15.35
N LYS A 64 -7.09 7.64 14.58
CA LYS A 64 -8.55 7.77 14.37
C LYS A 64 -9.39 8.07 15.62
N SER A 65 -9.24 7.26 16.67
CA SER A 65 -10.06 7.40 17.87
C SER A 65 -9.75 8.66 18.70
N ARG A 66 -8.64 9.33 18.37
CA ARG A 66 -8.19 10.51 19.10
C ARG A 66 -8.39 11.85 18.37
N VAL A 67 -8.69 11.82 17.08
CA VAL A 67 -8.70 13.02 16.23
C VAL A 67 -10.10 13.50 15.93
N THR A 68 -10.30 14.81 16.05
CA THR A 68 -11.50 15.49 15.55
C THR A 68 -11.06 16.64 14.65
N ILE A 69 -11.59 16.69 13.44
CA ILE A 69 -11.43 17.85 12.58
C ILE A 69 -12.82 18.40 12.31
N SER A 70 -12.99 19.70 12.52
CA SER A 70 -14.29 20.36 12.35
C SER A 70 -14.19 21.62 11.52
N LEU A 71 -15.26 21.90 10.79
CA LEU A 71 -15.39 23.14 10.01
C LEU A 71 -16.09 24.21 10.82
N HIS A 72 -15.63 25.45 10.67
CA HIS A 72 -16.32 26.60 11.25
C HIS A 72 -16.51 27.66 10.16
N THR A 73 -17.59 27.51 9.39
CA THR A 73 -17.80 28.34 8.20
C THR A 73 -18.08 29.82 8.48
N SER A 74 -18.74 30.14 9.59
CA SER A 74 -18.99 31.54 9.94
C SER A 74 -17.71 32.32 10.29
N LYS A 75 -16.61 31.59 10.59
CA LYS A 75 -15.30 32.19 10.82
C LYS A 75 -14.27 31.88 9.72
N ASN A 76 -14.64 31.03 8.75
CA ASN A 76 -13.73 30.59 7.68
C ASN A 76 -12.53 29.84 8.27
N GLN A 77 -12.83 29.01 9.27
CA GLN A 77 -11.80 28.27 10.01
C GLN A 77 -12.11 26.78 9.98
N PHE A 78 -11.06 25.98 10.18
CA PHE A 78 -11.21 24.59 10.54
C PHE A 78 -10.28 24.27 11.71
N SER A 79 -10.70 23.33 12.55
CA SER A 79 -9.99 23.04 13.79
C SER A 79 -9.53 21.60 13.88
N LEU A 80 -8.57 21.38 14.78
CA LEU A 80 -8.10 20.06 15.14
C LEU A 80 -8.19 19.90 16.64
N LYS A 81 -8.72 18.76 17.08
CA LYS A 81 -8.60 18.32 18.45
C LYS A 81 -7.93 16.95 18.45
N LEU A 82 -6.86 16.83 19.24
CA LEU A 82 -6.16 15.58 19.44
C LEU A 82 -6.22 15.25 20.91
N SER A 83 -6.98 14.22 21.28
CA SER A 83 -7.15 13.84 22.68
C SER A 83 -5.97 12.98 23.16
N SER A 84 -5.90 12.78 24.47
CA SER A 84 -5.01 11.77 25.09
C SER A 84 -3.55 11.99 24.76
N VAL A 85 -3.15 13.25 24.73
CA VAL A 85 -1.87 13.64 24.20
C VAL A 85 -0.75 13.24 25.21
N THR A 86 0.38 12.75 24.70
CA THR A 86 1.57 12.46 25.52
C THR A 86 2.78 13.17 24.90
N ALA A 87 3.95 13.07 25.53
CA ALA A 87 5.17 13.70 24.97
C ALA A 87 5.50 13.31 23.51
N ALA A 88 5.13 12.10 23.10
CA ALA A 88 5.25 11.66 21.70
C ALA A 88 4.43 12.47 20.70
N ASP A 89 3.42 13.19 21.15
CA ASP A 89 2.64 14.08 20.29
C ASP A 89 3.27 15.48 20.12
N THR A 90 4.43 15.69 20.75
CA THR A 90 5.17 16.95 20.58
C THR A 90 5.62 17.06 19.12
N ALA A 91 5.18 18.11 18.46
CA ALA A 91 5.40 18.25 17.04
C ALA A 91 5.03 19.64 16.56
N VAL A 92 5.55 19.98 15.38
CA VAL A 92 5.05 21.13 14.62
C VAL A 92 3.79 20.65 13.92
N TYR A 93 2.67 21.35 14.16
CA TYR A 93 1.39 21.04 13.54
C TYR A 93 1.10 22.05 12.43
N TYR A 94 0.92 21.53 11.21
CA TYR A 94 0.62 22.35 10.04
C TYR A 94 -0.81 22.12 9.60
N CYS A 95 -1.50 23.19 9.22
CA CYS A 95 -2.70 23.08 8.44
C CYS A 95 -2.33 23.28 6.99
N ALA A 96 -3.14 22.70 6.10
CA ALA A 96 -2.91 22.79 4.67
C ALA A 96 -4.19 22.55 3.90
N ARG A 97 -4.31 23.23 2.75
CA ARG A 97 -5.40 22.97 1.84
C ARG A 97 -5.00 21.77 0.99
N HIS A 98 -5.94 20.85 0.79
CA HIS A 98 -5.71 19.71 -0.08
C HIS A 98 -6.70 19.79 -1.24
N ARG A 99 -6.16 19.90 -2.45
CA ARG A 99 -6.96 20.07 -3.66
C ARG A 99 -6.32 19.27 -4.81
N ASN A 100 -7.16 18.56 -5.57
CA ASN A 100 -6.70 17.74 -6.69
C ASN A 100 -5.49 16.85 -6.34
N TRP A 101 -5.63 16.14 -5.22
CA TRP A 101 -4.71 15.07 -4.78
C TRP A 101 -3.32 15.55 -4.35
N LEU A 102 -3.26 16.78 -3.87
CA LEU A 102 -2.01 17.34 -3.38
C LEU A 102 -2.28 18.41 -2.31
N PHE A 103 -1.27 18.67 -1.49
CA PHE A 103 -1.32 19.65 -0.41
C PHE A 103 -0.60 20.93 -0.86
N ASP A 104 -1.35 21.99 -1.20
CA ASP A 104 -0.77 23.11 -1.99
C ASP A 104 -0.42 24.39 -1.22
N TYR A 105 -1.22 24.76 -0.22
CA TYR A 105 -0.97 25.96 0.59
C TYR A 105 -0.89 25.53 2.05
N TRP A 106 0.30 25.64 2.65
CA TRP A 106 0.55 25.20 4.02
C TRP A 106 0.70 26.42 4.92
N GLY A 107 0.20 26.33 6.15
CA GLY A 107 0.52 27.33 7.17
C GLY A 107 1.97 27.23 7.59
N GLN A 108 2.42 28.22 8.34
CA GLN A 108 3.80 28.25 8.86
C GLN A 108 4.09 27.19 9.92
N GLY A 109 3.02 26.70 10.55
CA GLY A 109 3.14 25.65 11.53
C GLY A 109 3.25 26.26 12.91
N THR A 110 2.88 25.47 13.91
CA THR A 110 2.98 25.87 15.30
C THR A 110 3.54 24.68 16.09
N LEU A 111 4.64 24.92 16.80
CA LEU A 111 5.22 23.89 17.65
C LEU A 111 4.30 23.70 18.83
N VAL A 112 3.87 22.46 19.06
CA VAL A 112 3.12 22.13 20.27
C VAL A 112 3.98 21.15 21.07
N THR A 113 4.29 21.55 22.29
CA THR A 113 5.03 20.72 23.22
C THR A 113 4.01 20.13 24.20
N VAL A 114 4.06 18.83 24.38
CA VAL A 114 3.18 18.16 25.32
C VAL A 114 3.96 17.84 26.59
N SER A 115 3.64 18.56 27.67
CA SER A 115 4.17 18.23 28.97
C SER A 115 3.36 18.88 30.08
N SER A 116 3.10 18.13 31.14
CA SER A 116 2.54 18.70 32.38
C SER A 116 3.61 19.04 33.40
N ALA A 117 4.88 19.05 32.97
CA ALA A 117 5.98 19.32 33.88
C ALA A 117 5.92 20.74 34.42
N SER A 118 6.14 20.86 35.72
CA SER A 118 6.46 22.13 36.35
C SER A 118 7.94 22.42 36.11
N THR A 119 8.29 23.69 36.29
CA THR A 119 9.67 24.15 36.20
C THR A 119 10.58 23.27 37.06
N LYS A 120 11.67 22.80 36.46
CA LYS A 120 12.63 21.92 37.13
C LYS A 120 14.02 22.14 36.58
N GLY A 121 15.00 22.26 37.48
CA GLY A 121 16.40 22.39 37.12
C GLY A 121 17.03 21.05 36.78
N PRO A 122 18.07 21.05 35.92
CA PRO A 122 18.64 19.80 35.42
C PRO A 122 19.56 19.09 36.42
N SER A 123 19.64 17.77 36.29
CA SER A 123 20.73 17.00 36.86
C SER A 123 21.82 16.95 35.79
N VAL A 124 23.06 17.17 36.21
CA VAL A 124 24.20 17.20 35.29
C VAL A 124 25.10 16.01 35.62
N PHE A 125 25.29 15.12 34.65
CA PHE A 125 26.09 13.91 34.82
C PHE A 125 27.29 13.96 33.90
N PRO A 126 28.45 13.41 34.35
CA PRO A 126 29.66 13.52 33.53
C PRO A 126 29.70 12.44 32.44
N LEU A 127 30.20 12.80 31.27
CA LEU A 127 30.50 11.86 30.21
C LEU A 127 32.01 11.79 30.15
N ALA A 128 32.57 10.84 30.91
CA ALA A 128 34.02 10.79 31.17
C ALA A 128 34.76 10.20 29.98
N PRO A 129 35.94 10.76 29.66
CA PRO A 129 36.74 10.19 28.58
C PRO A 129 37.40 8.89 29.07
N GLY A 137 46.29 10.83 20.53
CA GLY A 137 45.32 11.51 19.68
C GLY A 137 44.39 12.39 20.49
N THR A 138 43.09 12.28 20.24
CA THR A 138 42.10 13.12 20.91
C THR A 138 41.09 12.28 21.67
N ALA A 139 40.50 12.89 22.69
CA ALA A 139 39.48 12.25 23.50
C ALA A 139 38.26 13.16 23.61
N ALA A 140 37.09 12.55 23.56
CA ALA A 140 35.84 13.24 23.72
C ALA A 140 35.41 13.15 25.19
N LEU A 141 34.92 14.25 25.73
CA LEU A 141 34.29 14.25 27.05
C LEU A 141 33.13 15.22 27.01
N GLY A 142 32.24 15.11 27.98
CA GLY A 142 31.07 15.95 27.98
C GLY A 142 30.26 15.93 29.26
N CYS A 143 29.08 16.54 29.17
CA CYS A 143 28.13 16.61 30.26
C CYS A 143 26.75 16.28 29.71
N LEU A 144 26.05 15.38 30.40
CA LEU A 144 24.66 15.06 30.12
C LEU A 144 23.79 15.92 31.04
N VAL A 145 23.04 16.83 30.44
CA VAL A 145 22.16 17.76 31.17
C VAL A 145 20.75 17.21 31.12
N LYS A 146 20.29 16.65 32.23
CA LYS A 146 19.13 15.75 32.23
C LYS A 146 17.93 16.23 33.06
N ASP A 147 16.74 16.01 32.52
CA ASP A 147 15.47 16.15 33.23
C ASP A 147 15.17 17.57 33.73
N TYR A 148 15.21 18.53 32.80
CA TYR A 148 14.85 19.92 33.08
C TYR A 148 13.62 20.34 32.29
N PHE A 149 13.03 21.44 32.72
CA PHE A 149 11.86 22.03 32.07
C PHE A 149 11.68 23.46 32.58
N PRO A 150 11.35 24.43 31.73
CA PRO A 150 11.23 24.31 30.27
C PRO A 150 12.59 24.59 29.61
N GLU A 151 12.63 24.69 28.28
CA GLU A 151 13.81 25.23 27.59
C GLU A 151 13.93 26.73 27.93
N PRO A 152 15.12 27.35 27.78
CA PRO A 152 16.36 26.71 27.35
C PRO A 152 17.36 26.46 28.47
N VAL A 153 18.41 25.72 28.14
CA VAL A 153 19.62 25.68 28.95
C VAL A 153 20.77 26.16 28.05
N THR A 154 21.75 26.86 28.63
CA THR A 154 22.98 27.20 27.94
C THR A 154 24.13 26.43 28.62
N VAL A 155 25.03 25.88 27.82
CA VAL A 155 26.22 25.19 28.34
C VAL A 155 27.43 25.93 27.80
N SER A 156 28.38 26.22 28.69
CA SER A 156 29.70 26.67 28.29
C SER A 156 30.72 25.78 28.97
N TRP A 157 32.00 25.94 28.59
CA TRP A 157 33.08 25.15 29.14
C TRP A 157 34.18 26.07 29.66
N ASN A 158 34.63 25.81 30.89
CA ASN A 158 35.67 26.60 31.57
C ASN A 158 35.34 28.09 31.53
N SER A 159 34.11 28.39 31.95
CA SER A 159 33.55 29.74 32.00
C SER A 159 33.65 30.49 30.67
N GLY A 160 33.45 29.78 29.57
CA GLY A 160 33.55 30.36 28.23
C GLY A 160 34.94 30.47 27.66
N ALA A 161 35.98 30.14 28.43
CA ALA A 161 37.36 30.18 27.94
C ALA A 161 37.66 29.09 26.92
N LEU A 162 37.02 27.93 27.05
CA LEU A 162 37.24 26.82 26.11
C LEU A 162 36.10 26.77 25.10
N THR A 163 36.39 27.11 23.85
CA THR A 163 35.40 27.08 22.76
C THR A 163 35.75 26.14 21.60
N SER A 164 37.04 25.88 21.37
CA SER A 164 37.47 24.99 20.30
C SER A 164 37.10 23.55 20.60
N GLY A 165 36.50 22.87 19.64
CA GLY A 165 36.06 21.49 19.81
C GLY A 165 34.79 21.29 20.63
N VAL A 166 34.15 22.38 21.06
CA VAL A 166 32.94 22.31 21.85
C VAL A 166 31.73 22.15 20.94
N HIS A 167 30.82 21.25 21.30
CA HIS A 167 29.51 21.19 20.65
C HIS A 167 28.41 20.85 21.66
N THR A 168 27.38 21.69 21.69
CA THR A 168 26.21 21.45 22.52
C THR A 168 25.04 21.05 21.60
N PHE A 169 24.42 19.92 21.92
CA PHE A 169 23.39 19.32 21.07
C PHE A 169 22.02 19.90 21.35
N PRO A 170 21.10 19.84 20.36
CA PRO A 170 19.72 20.24 20.64
C PRO A 170 19.06 19.32 21.66
N ALA A 171 18.08 19.85 22.38
CA ALA A 171 17.41 19.12 23.43
C ALA A 171 16.47 18.06 22.88
N VAL A 172 16.34 16.97 23.65
CA VAL A 172 15.36 15.93 23.39
C VAL A 172 14.32 16.02 24.49
N LEU A 173 13.05 15.98 24.11
CA LEU A 173 11.96 15.85 25.08
C LEU A 173 11.64 14.38 25.31
N GLN A 174 11.91 13.89 26.52
CA GLN A 174 11.67 12.48 26.87
C GLN A 174 10.18 12.21 27.16
N SER A 175 9.83 10.92 27.25
CA SER A 175 8.46 10.48 27.59
C SER A 175 7.98 10.99 28.95
N SER A 176 8.93 11.29 29.84
CA SER A 176 8.63 11.94 31.12
C SER A 176 8.06 13.38 31.03
N GLY A 177 8.19 14.04 29.88
CA GLY A 177 7.80 15.47 29.75
C GLY A 177 8.92 16.43 30.10
N LEU A 178 10.11 15.89 30.36
CA LEU A 178 11.30 16.69 30.70
C LEU A 178 12.34 16.59 29.59
N TYR A 179 13.13 17.65 29.45
CA TYR A 179 14.16 17.72 28.41
C TYR A 179 15.48 17.16 28.90
N SER A 180 16.29 16.70 27.93
CA SER A 180 17.68 16.36 28.18
C SER A 180 18.53 16.82 27.01
N LEU A 181 19.77 17.20 27.29
CA LEU A 181 20.73 17.46 26.22
C LEU A 181 22.12 17.08 26.67
N SER A 182 23.04 17.07 25.70
CA SER A 182 24.43 16.77 25.97
C SER A 182 25.30 17.87 25.36
N SER A 183 26.45 18.10 25.97
CA SER A 183 27.45 19.01 25.44
C SER A 183 28.76 18.26 25.50
N VAL A 184 29.57 18.38 24.45
CA VAL A 184 30.79 17.58 24.32
C VAL A 184 31.94 18.49 23.92
N VAL A 185 33.14 18.12 24.33
CA VAL A 185 34.37 18.77 23.91
C VAL A 185 35.37 17.69 23.51
N THR A 186 36.02 17.91 22.36
CA THR A 186 37.10 17.05 21.90
C THR A 186 38.41 17.74 22.26
N VAL A 187 39.20 17.08 23.12
CA VAL A 187 40.47 17.65 23.62
C VAL A 187 41.62 16.70 23.32
N PRO A 188 42.87 17.17 23.44
CA PRO A 188 44.01 16.25 23.32
C PRO A 188 44.05 15.27 24.50
N SER A 189 44.19 13.98 24.22
CA SER A 189 44.19 12.95 25.26
C SER A 189 45.39 13.04 26.23
N SER A 190 46.47 13.69 25.78
CA SER A 190 47.63 13.92 26.63
C SER A 190 47.40 14.99 27.72
N SER A 191 46.32 15.77 27.62
CA SER A 191 45.97 16.81 28.60
C SER A 191 45.07 16.29 29.73
N LEU A 192 44.56 15.06 29.59
CA LEU A 192 43.62 14.49 30.56
C LEU A 192 44.27 14.27 31.91
N GLY A 193 43.55 14.65 32.97
CA GLY A 193 44.07 14.58 34.32
C GLY A 193 45.12 15.61 34.68
N THR A 194 45.32 16.62 33.83
CA THR A 194 46.20 17.77 34.15
C THR A 194 45.46 19.07 33.88
N GLN A 195 44.97 19.25 32.66
CA GLN A 195 43.95 20.26 32.35
C GLN A 195 42.65 19.86 33.00
N THR A 196 41.87 20.84 33.46
CA THR A 196 40.52 20.59 33.98
C THR A 196 39.50 21.06 32.96
N TYR A 197 38.42 20.29 32.84
CA TYR A 197 37.33 20.58 31.92
C TYR A 197 36.02 20.61 32.70
N THR A 198 35.42 21.79 32.79
CA THR A 198 34.25 22.05 33.62
C THR A 198 33.13 22.59 32.75
N CYS A 199 31.99 21.89 32.74
CA CYS A 199 30.82 22.40 32.04
C CYS A 199 29.99 23.28 32.98
N ASN A 200 29.62 24.46 32.48
CA ASN A 200 28.87 25.44 33.25
C ASN A 200 27.49 25.46 32.64
N VAL A 201 26.51 24.96 33.39
CA VAL A 201 25.14 24.80 32.92
C VAL A 201 24.29 25.88 33.56
N ASP A 202 23.54 26.60 32.73
CA ASP A 202 22.72 27.70 33.18
C ASP A 202 21.28 27.43 32.77
N HIS A 203 20.38 27.29 33.75
CA HIS A 203 18.96 27.07 33.49
C HIS A 203 18.18 28.17 34.17
N LYS A 204 17.99 29.27 33.44
CA LYS A 204 17.34 30.47 33.96
C LYS A 204 15.90 30.26 34.44
N PRO A 205 15.08 29.48 33.69
CA PRO A 205 13.70 29.26 34.14
C PRO A 205 13.57 28.74 35.58
N SER A 206 14.48 27.86 36.03
CA SER A 206 14.49 27.40 37.44
C SER A 206 15.45 28.15 38.37
N ASN A 207 16.04 29.25 37.88
CA ASN A 207 17.10 29.98 38.58
C ASN A 207 18.27 29.10 39.05
N THR A 208 18.72 28.21 38.18
CA THR A 208 19.74 27.20 38.53
C THR A 208 20.99 27.36 37.68
N LYS A 209 22.15 27.27 38.34
CA LYS A 209 23.45 27.12 37.67
C LYS A 209 24.18 25.94 38.28
N VAL A 210 24.76 25.09 37.43
CA VAL A 210 25.57 23.95 37.87
C VAL A 210 26.92 23.98 37.16
N ASP A 211 28.00 23.84 37.93
CA ASP A 211 29.33 23.58 37.38
C ASP A 211 29.71 22.14 37.69
N LYS A 212 30.10 21.39 36.65
CA LYS A 212 30.51 20.00 36.79
C LYS A 212 31.87 19.78 36.12
N THR A 213 32.89 19.51 36.93
CA THR A 213 34.22 19.17 36.38
C THR A 213 34.24 17.69 36.04
N VAL A 214 34.57 17.39 34.78
CA VAL A 214 34.49 16.03 34.23
C VAL A 214 35.90 15.44 34.14
N GLU A 215 36.10 14.24 34.68
CA GLU A 215 37.43 13.61 34.73
C GLU A 215 37.38 12.09 34.58
N GLN B 1 -0.93 2.85 8.62
CA GLN B 1 -0.08 2.23 7.57
C GLN B 1 1.40 2.54 7.80
N SER B 2 2.26 1.93 7.01
CA SER B 2 3.72 2.13 7.08
C SER B 2 4.16 3.35 6.25
N ALA B 3 5.04 4.18 6.81
CA ALA B 3 5.67 5.31 6.10
C ALA B 3 6.40 4.82 4.85
N LEU B 4 6.39 5.64 3.80
CA LEU B 4 7.04 5.26 2.52
C LEU B 4 8.55 5.37 2.71
N THR B 5 9.29 4.37 2.23
CA THR B 5 10.73 4.28 2.49
C THR B 5 11.53 5.18 1.54
N GLN B 6 12.33 6.08 2.11
CA GLN B 6 13.24 6.93 1.34
C GLN B 6 14.65 6.75 1.87
N PRO B 7 15.67 6.99 1.02
CA PRO B 7 17.03 7.03 1.56
C PRO B 7 17.21 8.24 2.49
N ARG B 8 18.04 8.09 3.52
CA ARG B 8 18.24 9.21 4.48
C ARG B 8 19.00 10.37 3.82
N SER B 9 19.93 10.05 2.91
CA SER B 9 20.87 11.02 2.34
C SER B 9 21.08 10.77 0.84
N VAL B 10 21.01 11.85 0.07
CA VAL B 10 21.41 11.87 -1.33
C VAL B 10 22.27 13.13 -1.51
N SER B 11 23.30 13.06 -2.36
CA SER B 11 24.19 14.20 -2.55
C SER B 11 24.82 14.29 -3.94
N GLY B 12 25.18 15.51 -4.30
CA GLY B 12 25.88 15.79 -5.54
C GLY B 12 26.48 17.17 -5.52
N SER B 13 27.49 17.39 -6.35
CA SER B 13 28.07 18.71 -6.56
C SER B 13 27.11 19.57 -7.38
N PRO B 14 27.27 20.91 -7.33
CA PRO B 14 26.48 21.79 -8.20
C PRO B 14 26.60 21.39 -9.66
N GLY B 15 25.47 21.37 -10.37
CA GLY B 15 25.43 20.93 -11.76
C GLY B 15 25.15 19.45 -11.97
N GLN B 16 25.34 18.62 -10.95
CA GLN B 16 25.06 17.17 -11.06
C GLN B 16 23.59 16.85 -10.85
N SER B 17 23.24 15.59 -11.10
CA SER B 17 21.90 15.07 -10.90
C SER B 17 21.85 14.15 -9.70
N VAL B 18 20.71 14.15 -9.03
CA VAL B 18 20.41 13.17 -7.99
C VAL B 18 19.01 12.65 -8.18
N THR B 19 18.79 11.43 -7.72
CA THR B 19 17.48 10.78 -7.73
C THR B 19 17.17 10.28 -6.33
N ILE B 20 15.95 10.57 -5.87
CA ILE B 20 15.45 10.16 -4.57
C ILE B 20 14.34 9.13 -4.79
N SER B 21 14.50 7.94 -4.24
CA SER B 21 13.50 6.89 -4.31
C SER B 21 12.50 6.95 -3.15
N CYS B 22 11.30 6.42 -3.40
CA CYS B 22 10.20 6.44 -2.45
C CYS B 22 9.42 5.16 -2.63
N THR B 23 9.71 4.16 -1.80
CA THR B 23 9.17 2.82 -1.95
C THR B 23 7.96 2.59 -1.04
N GLY B 24 6.83 2.31 -1.68
CA GLY B 24 5.59 2.01 -0.97
C GLY B 24 5.14 0.60 -1.24
N THR B 25 3.83 0.42 -1.32
CA THR B 25 3.19 -0.88 -1.57
C THR B 25 2.22 -0.71 -2.71
N SER B 26 1.62 -1.83 -3.14
CA SER B 26 0.56 -1.80 -4.15
C SER B 26 -0.75 -1.11 -3.70
N SER B 27 -0.94 -0.90 -2.39
CA SER B 27 -2.10 -0.15 -1.88
C SER B 27 -1.87 1.37 -1.67
N ASP B 28 -0.69 1.88 -2.06
CA ASP B 28 -0.43 3.32 -2.06
C ASP B 28 0.33 3.78 -3.32
N VAL B 29 1.66 3.80 -3.31
CA VAL B 29 2.45 4.33 -4.44
C VAL B 29 2.14 3.58 -5.74
N GLY B 30 2.12 2.26 -5.67
CA GLY B 30 1.77 1.42 -6.82
C GLY B 30 0.30 1.12 -7.00
N GLY B 31 -0.58 1.76 -6.22
CA GLY B 31 -2.03 1.62 -6.37
C GLY B 31 -2.70 2.76 -7.12
N TYR B 32 -2.08 3.94 -7.12
CA TYR B 32 -2.66 5.12 -7.76
C TYR B 32 -1.54 5.91 -8.40
N ASN B 33 -1.90 6.93 -9.18
CA ASN B 33 -0.94 7.93 -9.66
C ASN B 33 -1.19 9.27 -8.97
N TYR B 34 -1.31 9.20 -7.65
CA TYR B 34 -1.51 10.36 -6.78
C TYR B 34 -0.32 10.50 -5.85
N VAL B 35 0.87 10.57 -6.46
CA VAL B 35 2.13 10.76 -5.76
C VAL B 35 2.55 12.23 -5.88
N SER B 36 2.85 12.84 -4.74
CA SER B 36 3.32 14.20 -4.70
C SER B 36 4.60 14.28 -3.87
N TRP B 37 5.40 15.30 -4.15
CA TRP B 37 6.70 15.51 -3.51
C TRP B 37 6.76 16.91 -2.92
N TYR B 38 7.41 17.03 -1.77
CA TYR B 38 7.46 18.29 -1.00
C TYR B 38 8.88 18.61 -0.62
N GLN B 39 9.23 19.89 -0.72
CA GLN B 39 10.55 20.40 -0.38
C GLN B 39 10.42 21.17 0.93
N GLN B 40 11.35 20.94 1.84
CA GLN B 40 11.35 21.63 3.13
C GLN B 40 12.74 22.15 3.49
N HIS B 41 12.88 23.48 3.52
CA HIS B 41 14.06 24.14 4.04
C HIS B 41 13.92 24.35 5.56
N PRO B 42 15.05 24.57 6.26
CA PRO B 42 15.00 24.68 7.72
C PRO B 42 14.01 25.74 8.22
N GLY B 43 13.16 25.35 9.17
CA GLY B 43 12.23 26.26 9.80
C GLY B 43 11.02 26.65 8.96
N LYS B 44 10.88 26.07 7.76
CA LYS B 44 9.83 26.44 6.81
C LYS B 44 8.80 25.32 6.67
N ALA B 45 7.63 25.68 6.17
CA ALA B 45 6.61 24.70 5.79
C ALA B 45 7.04 23.94 4.55
N PRO B 46 6.57 22.69 4.39
CA PRO B 46 6.79 21.98 3.14
C PRO B 46 6.13 22.70 1.97
N LYS B 47 6.76 22.59 0.79
CA LYS B 47 6.31 23.25 -0.43
C LYS B 47 6.22 22.20 -1.52
N VAL B 48 5.04 22.09 -2.15
CA VAL B 48 4.83 21.12 -3.22
C VAL B 48 5.72 21.38 -4.45
N MET B 49 6.44 20.35 -4.88
CA MET B 49 7.31 20.41 -6.07
C MET B 49 6.79 19.57 -7.24
N ILE B 50 6.11 18.45 -6.94
CA ILE B 50 5.56 17.54 -7.95
C ILE B 50 4.22 17.03 -7.45
N TYR B 51 3.26 16.85 -8.36
CA TYR B 51 2.01 16.16 -8.04
C TYR B 51 1.61 15.23 -9.19
N ASP B 52 0.69 14.31 -8.92
CA ASP B 52 0.28 13.28 -9.89
C ASP B 52 1.49 12.59 -10.54
N VAL B 53 2.42 12.14 -9.71
CA VAL B 53 3.66 11.47 -10.12
C VAL B 53 4.69 12.38 -10.82
N SER B 54 4.28 13.05 -11.90
CA SER B 54 5.20 13.75 -12.80
C SER B 54 4.88 15.23 -13.11
N LYS B 55 3.73 15.76 -12.68
CA LYS B 55 3.38 17.15 -13.01
C LYS B 55 4.03 18.15 -12.06
N ARG B 56 4.47 19.28 -12.61
CA ARG B 56 5.06 20.36 -11.83
C ARG B 56 4.03 21.47 -11.60
N PRO B 57 3.92 21.97 -10.36
CA PRO B 57 3.15 23.21 -10.16
C PRO B 57 3.81 24.39 -10.86
N SER B 58 3.02 25.43 -11.10
CA SER B 58 3.54 26.65 -11.70
C SER B 58 4.63 27.23 -10.82
N GLY B 59 5.72 27.69 -11.45
CA GLY B 59 6.85 28.28 -10.71
C GLY B 59 7.94 27.32 -10.29
N VAL B 60 7.64 26.02 -10.25
CA VAL B 60 8.63 25.01 -9.91
C VAL B 60 9.55 24.82 -11.13
N PRO B 61 10.89 24.96 -10.95
CA PRO B 61 11.81 24.84 -12.09
C PRO B 61 11.78 23.47 -12.75
N ASP B 62 12.02 23.46 -14.06
CA ASP B 62 11.95 22.22 -14.84
C ASP B 62 13.06 21.20 -14.54
N ARG B 63 14.08 21.60 -13.77
CA ARG B 63 15.10 20.66 -13.29
C ARG B 63 14.57 19.60 -12.31
N PHE B 64 13.39 19.86 -11.71
CA PHE B 64 12.66 18.87 -10.90
C PHE B 64 11.71 18.03 -11.75
N SER B 65 11.87 16.70 -11.71
CA SER B 65 10.97 15.79 -12.41
C SER B 65 10.59 14.61 -11.51
N GLY B 66 9.41 14.05 -11.76
CA GLY B 66 8.92 12.92 -11.02
C GLY B 66 8.65 11.73 -11.94
N SER B 67 8.80 10.53 -11.38
CA SER B 67 8.54 9.29 -12.11
C SER B 67 8.10 8.19 -11.17
N LYS B 68 7.69 7.07 -11.75
CA LYS B 68 7.26 5.92 -10.97
C LYS B 68 7.60 4.60 -11.67
N SER B 69 7.94 3.60 -10.86
CA SER B 69 8.29 2.25 -11.32
C SER B 69 7.81 1.27 -10.28
N GLY B 70 6.84 0.42 -10.64
CA GLY B 70 6.20 -0.49 -9.70
C GLY B 70 5.65 0.24 -8.49
N ASN B 71 6.16 -0.12 -7.31
CA ASN B 71 5.78 0.56 -6.05
C ASN B 71 6.78 1.63 -5.60
N THR B 72 7.63 2.10 -6.52
CA THR B 72 8.64 3.10 -6.20
C THR B 72 8.45 4.35 -7.04
N ALA B 73 8.30 5.48 -6.36
CA ALA B 73 8.32 6.78 -6.99
C ALA B 73 9.73 7.35 -6.88
N SER B 74 10.09 8.22 -7.81
CA SER B 74 11.40 8.87 -7.81
C SER B 74 11.27 10.36 -8.09
N LEU B 75 12.01 11.17 -7.33
CA LEU B 75 12.20 12.59 -7.63
C LEU B 75 13.62 12.77 -8.12
N THR B 76 13.78 13.36 -9.31
CA THR B 76 15.08 13.60 -9.91
C THR B 76 15.28 15.12 -10.01
N ILE B 77 16.43 15.57 -9.53
CA ILE B 77 16.83 16.97 -9.64
C ILE B 77 18.06 17.02 -10.52
N SER B 78 17.92 17.60 -11.71
CA SER B 78 19.05 17.79 -12.61
C SER B 78 19.70 19.11 -12.27
N GLY B 79 20.97 19.26 -12.62
CA GLY B 79 21.67 20.52 -12.47
C GLY B 79 21.43 21.14 -11.11
N LEU B 80 21.88 20.45 -10.07
CA LEU B 80 21.71 20.92 -8.69
C LEU B 80 22.23 22.34 -8.51
N GLN B 81 21.46 23.15 -7.81
CA GLN B 81 21.88 24.49 -7.41
C GLN B 81 21.87 24.53 -5.90
N ALA B 82 22.69 25.43 -5.33
CA ALA B 82 22.90 25.51 -3.88
C ALA B 82 21.59 25.53 -3.08
N GLU B 83 20.61 26.29 -3.57
CA GLU B 83 19.28 26.39 -2.95
C GLU B 83 18.44 25.08 -2.98
N ASP B 84 18.84 24.05 -3.74
CA ASP B 84 18.15 22.73 -3.72
C ASP B 84 18.44 21.92 -2.47
N GLU B 85 19.46 22.29 -1.70
CA GLU B 85 19.76 21.64 -0.43
C GLU B 85 18.60 21.85 0.57
N ALA B 86 17.93 20.75 0.89
CA ALA B 86 16.72 20.77 1.71
C ALA B 86 16.31 19.32 2.00
N ASP B 87 15.26 19.15 2.79
CA ASP B 87 14.65 17.84 2.95
C ASP B 87 13.53 17.69 1.93
N TYR B 88 13.33 16.47 1.47
CA TYR B 88 12.31 16.16 0.47
C TYR B 88 11.48 14.97 0.93
N TYR B 89 10.16 15.11 0.84
CA TYR B 89 9.23 14.09 1.26
C TYR B 89 8.33 13.72 0.10
N CYS B 90 8.20 12.42 -0.16
CA CYS B 90 7.14 11.97 -1.05
C CYS B 90 5.89 11.77 -0.23
N CYS B 91 4.76 11.69 -0.92
CA CYS B 91 3.47 11.48 -0.31
C CYS B 91 2.62 10.73 -1.31
N SER B 92 1.81 9.78 -0.82
CA SER B 92 0.90 9.08 -1.70
C SER B 92 -0.46 8.89 -1.05
N TYR B 93 -1.49 8.96 -1.89
CA TYR B 93 -2.80 8.47 -1.51
C TYR B 93 -2.68 7.00 -1.18
N ALA B 94 -3.35 6.57 -0.12
CA ALA B 94 -3.21 5.20 0.38
C ALA B 94 -4.55 4.51 0.56
N GLY B 95 -5.55 4.93 -0.22
CA GLY B 95 -6.87 4.31 -0.20
C GLY B 95 -7.77 4.83 0.89
N SER B 96 -9.08 4.76 0.64
CA SER B 96 -10.14 5.11 1.59
C SER B 96 -9.86 6.41 2.30
N TYR B 97 -9.57 7.45 1.52
CA TYR B 97 -9.39 8.81 2.02
C TYR B 97 -8.27 8.95 3.06
N THR B 98 -7.11 8.37 2.75
CA THR B 98 -5.91 8.49 3.58
C THR B 98 -4.68 8.79 2.74
N TYR B 99 -3.71 9.44 3.37
CA TYR B 99 -2.40 9.72 2.80
C TYR B 99 -1.31 9.22 3.75
N VAL B 100 -0.17 8.85 3.18
CA VAL B 100 1.01 8.45 3.92
C VAL B 100 2.20 9.18 3.33
N PHE B 101 3.02 9.77 4.20
CA PHE B 101 4.22 10.49 3.76
C PHE B 101 5.43 9.58 3.85
N GLY B 102 6.44 9.86 3.05
CA GLY B 102 7.71 9.15 3.16
C GLY B 102 8.54 9.63 4.33
N THR B 103 9.60 8.88 4.64
CA THR B 103 10.45 9.14 5.83
C THR B 103 11.38 10.34 5.67
N GLY B 104 11.57 10.81 4.44
CA GLY B 104 12.34 12.04 4.18
C GLY B 104 13.77 11.78 3.77
N THR B 105 14.27 12.59 2.84
CA THR B 105 15.65 12.50 2.36
C THR B 105 16.27 13.88 2.45
N LYS B 106 17.46 13.94 3.04
CA LYS B 106 18.27 15.16 3.02
C LYS B 106 19.04 15.18 1.70
N VAL B 107 18.83 16.22 0.90
CA VAL B 107 19.66 16.46 -0.30
C VAL B 107 20.74 17.44 0.11
N THR B 108 22.01 17.05 -0.07
CA THR B 108 23.14 17.92 0.18
C THR B 108 23.78 18.33 -1.14
N VAL B 109 23.89 19.63 -1.36
CA VAL B 109 24.64 20.17 -2.50
C VAL B 109 26.07 20.33 -1.99
N LEU B 110 26.95 19.45 -2.47
CA LEU B 110 28.29 19.29 -1.92
C LEU B 110 29.13 20.55 -2.06
N GLY B 111 29.57 21.09 -0.92
CA GLY B 111 30.51 22.23 -0.87
C GLY B 111 31.79 21.94 -0.08
N GLN B 112 31.95 20.72 0.42
CA GLN B 112 33.17 20.26 1.07
C GLN B 112 33.39 18.81 0.65
N PRO B 113 34.62 18.28 0.84
CA PRO B 113 34.79 16.83 0.70
C PRO B 113 34.08 16.09 1.83
N LYS B 114 33.65 14.85 1.56
CA LYS B 114 32.97 14.09 2.60
C LYS B 114 33.92 13.79 3.76
N ALA B 115 33.36 13.74 4.97
CA ALA B 115 34.13 13.43 6.17
C ALA B 115 33.43 12.32 6.93
N ASN B 116 34.20 11.33 7.35
CA ASN B 116 33.65 10.18 8.07
C ASN B 116 33.41 10.56 9.53
N PRO B 117 32.35 10.00 10.14
CA PRO B 117 32.07 10.37 11.53
C PRO B 117 33.05 9.75 12.53
N THR B 118 33.47 10.52 13.52
CA THR B 118 34.09 9.97 14.72
C THR B 118 32.95 9.64 15.68
N VAL B 119 32.88 8.37 16.10
CA VAL B 119 31.83 7.90 17.01
C VAL B 119 32.41 7.57 18.38
N THR B 120 31.87 8.20 19.42
CA THR B 120 32.20 7.87 20.81
C THR B 120 30.92 7.42 21.49
N LEU B 121 30.99 6.26 22.13
CA LEU B 121 29.87 5.71 22.89
C LEU B 121 30.24 5.75 24.38
N PHE B 122 29.43 6.45 25.16
CA PHE B 122 29.63 6.56 26.61
C PHE B 122 28.65 5.62 27.31
N PRO B 123 29.13 4.83 28.29
CA PRO B 123 28.18 4.06 29.10
C PRO B 123 27.52 4.95 30.13
N PRO B 124 26.51 4.42 30.85
CA PRO B 124 25.96 5.18 31.97
C PRO B 124 27.05 5.52 32.98
N SER B 125 27.08 6.76 33.46
CA SER B 125 27.99 7.12 34.53
C SER B 125 27.57 6.41 35.81
N SER B 126 28.54 6.08 36.66
CA SER B 126 28.24 5.51 37.97
C SER B 126 27.37 6.46 38.80
N GLU B 127 27.54 7.77 38.61
CA GLU B 127 26.66 8.74 39.25
C GLU B 127 25.20 8.61 38.80
N GLU B 128 24.98 8.45 37.50
CA GLU B 128 23.61 8.26 36.98
C GLU B 128 23.00 6.93 37.45
N LEU B 129 23.80 5.86 37.45
CA LEU B 129 23.37 4.56 38.02
C LEU B 129 22.96 4.67 39.49
N GLN B 130 23.71 5.44 40.28
CA GLN B 130 23.31 5.72 41.65
C GLN B 130 21.99 6.50 41.75
N ALA B 131 21.68 7.32 40.75
CA ALA B 131 20.34 7.93 40.63
C ALA B 131 19.24 6.98 40.11
N ASN B 132 19.52 5.68 40.05
CA ASN B 132 18.57 4.67 39.53
C ASN B 132 18.12 4.91 38.09
N LYS B 133 19.06 5.35 37.25
CA LYS B 133 18.81 5.58 35.84
C LYS B 133 20.04 5.15 35.05
N ALA B 134 19.85 4.97 33.74
CA ALA B 134 20.95 4.58 32.87
C ALA B 134 20.69 5.11 31.46
N THR B 135 21.64 5.89 30.95
CA THR B 135 21.56 6.42 29.59
C THR B 135 22.90 6.13 28.90
N LEU B 136 22.85 5.43 27.77
CA LEU B 136 24.00 5.32 26.88
C LEU B 136 23.93 6.50 25.93
N VAL B 137 25.08 7.15 25.74
CA VAL B 137 25.17 8.35 24.93
C VAL B 137 26.14 8.08 23.78
N CYS B 138 25.60 8.06 22.57
CA CYS B 138 26.38 7.86 21.38
C CYS B 138 26.57 9.20 20.68
N LEU B 139 27.81 9.70 20.72
CA LEU B 139 28.18 10.94 20.10
C LEU B 139 28.80 10.70 18.74
N ILE B 140 28.28 11.39 17.73
CA ILE B 140 28.72 11.28 16.37
C ILE B 140 29.21 12.67 15.97
N SER B 141 30.48 12.78 15.55
CA SER B 141 31.10 14.09 15.27
C SER B 141 31.87 14.14 13.95
N ASP B 142 31.97 15.34 13.37
CA ASP B 142 32.84 15.64 12.23
C ASP B 142 32.50 14.83 10.99
N PHE B 143 31.23 14.85 10.60
CA PHE B 143 30.82 14.19 9.37
C PHE B 143 30.17 15.15 8.38
N TYR B 144 30.29 14.80 7.10
CA TYR B 144 29.71 15.54 6.00
C TYR B 144 29.57 14.55 4.85
N PRO B 145 28.42 14.47 4.18
CA PRO B 145 27.22 15.29 4.41
C PRO B 145 26.51 15.04 5.75
N GLY B 146 25.64 15.98 6.13
CA GLY B 146 24.97 15.97 7.42
C GLY B 146 23.73 15.10 7.47
N ALA B 147 23.95 13.79 7.36
CA ALA B 147 22.86 12.84 7.37
C ALA B 147 23.42 11.46 7.73
N VAL B 148 22.80 10.82 8.71
CA VAL B 148 23.35 9.61 9.31
C VAL B 148 22.18 8.73 9.76
N THR B 149 22.38 7.41 9.77
CA THR B 149 21.40 6.47 10.35
C THR B 149 22.05 5.86 11.58
N VAL B 150 21.30 5.84 12.68
CA VAL B 150 21.76 5.28 13.94
C VAL B 150 20.87 4.09 14.29
N ALA B 151 21.51 2.97 14.59
CA ALA B 151 20.84 1.76 15.05
C ALA B 151 21.54 1.29 16.33
N TRP B 152 20.74 0.82 17.28
CA TRP B 152 21.26 0.33 18.56
C TRP B 152 21.10 -1.19 18.63
N LYS B 153 22.06 -1.85 19.28
CA LYS B 153 22.03 -3.29 19.48
C LYS B 153 22.37 -3.66 20.93
N ALA B 154 21.70 -4.70 21.44
CA ALA B 154 21.98 -5.28 22.75
C ALA B 154 22.34 -6.75 22.54
N ASP B 155 23.61 -7.09 22.77
CA ASP B 155 24.15 -8.42 22.47
C ASP B 155 23.93 -8.85 21.01
N GLY B 156 24.18 -7.92 20.10
CA GLY B 156 24.01 -8.17 18.66
C GLY B 156 22.58 -8.17 18.13
N SER B 157 21.62 -7.79 18.97
CA SER B 157 20.20 -7.85 18.65
C SER B 157 19.62 -6.43 18.63
N PRO B 158 18.95 -6.02 17.52
CA PRO B 158 18.40 -4.66 17.43
C PRO B 158 17.52 -4.24 18.62
N VAL B 159 17.73 -3.00 19.09
CA VAL B 159 16.92 -2.41 20.15
C VAL B 159 16.24 -1.15 19.62
N LYS B 160 14.91 -1.18 19.52
CA LYS B 160 14.13 -0.04 19.04
C LYS B 160 13.62 0.86 20.20
N ALA B 161 13.18 0.25 21.30
CA ALA B 161 12.61 0.98 22.44
C ALA B 161 13.63 1.81 23.23
N GLY B 162 13.18 2.97 23.70
CA GLY B 162 14.01 3.87 24.50
C GLY B 162 15.11 4.60 23.75
N VAL B 163 14.94 4.76 22.44
CA VAL B 163 15.94 5.41 21.58
C VAL B 163 15.45 6.81 21.20
N GLU B 164 16.36 7.78 21.31
CA GLU B 164 16.10 9.14 20.90
C GLU B 164 17.34 9.66 20.19
N THR B 165 17.16 10.21 19.00
CA THR B 165 18.27 10.63 18.16
C THR B 165 18.03 12.05 17.66
N THR B 166 19.08 12.88 17.70
CA THR B 166 18.97 14.26 17.27
C THR B 166 19.30 14.37 15.79
N LYS B 167 18.60 15.28 15.12
CA LYS B 167 18.87 15.61 13.73
C LYS B 167 20.28 16.23 13.67
N PRO B 168 21.09 15.86 12.66
CA PRO B 168 22.44 16.44 12.62
C PRO B 168 22.42 17.96 12.54
N SER B 169 23.28 18.61 13.32
CA SER B 169 23.41 20.08 13.32
C SER B 169 24.87 20.45 13.08
N LYS B 170 25.10 21.59 12.42
CA LYS B 170 26.44 22.07 12.09
C LYS B 170 27.24 22.38 13.35
N GLN B 171 28.50 21.93 13.36
CA GLN B 171 29.48 22.30 14.37
C GLN B 171 30.07 23.67 14.01
N SER B 172 30.88 24.23 14.89
CA SER B 172 31.58 25.49 14.62
C SER B 172 32.56 25.42 13.45
N ASN B 173 33.11 24.23 13.19
CA ASN B 173 34.03 24.01 12.05
C ASN B 173 33.34 23.66 10.70
N ASN B 174 32.01 23.76 10.66
CA ASN B 174 31.19 23.54 9.44
C ASN B 174 30.93 22.09 9.01
N LYS B 175 31.47 21.11 9.74
CA LYS B 175 31.02 19.72 9.64
C LYS B 175 29.82 19.52 10.58
N TYR B 176 29.19 18.35 10.50
CA TYR B 176 28.02 18.04 11.32
C TYR B 176 28.33 17.14 12.53
N ALA B 177 27.46 17.25 13.51
CA ALA B 177 27.43 16.31 14.64
C ALA B 177 26.01 15.91 14.94
N ALA B 178 25.85 14.72 15.50
CA ALA B 178 24.57 14.21 15.95
C ALA B 178 24.77 13.38 17.21
N SER B 179 23.66 13.13 17.90
CA SER B 179 23.71 12.39 19.16
C SER B 179 22.54 11.42 19.22
N SER B 180 22.77 10.28 19.85
CA SER B 180 21.71 9.31 20.10
C SER B 180 21.80 8.84 21.55
N TYR B 181 20.63 8.67 22.16
CA TYR B 181 20.52 8.25 23.55
C TYR B 181 19.71 6.97 23.59
N LEU B 182 20.23 5.97 24.29
CA LEU B 182 19.48 4.76 24.63
C LEU B 182 19.23 4.81 26.14
N SER B 183 17.96 4.92 26.52
CA SER B 183 17.57 4.98 27.93
C SER B 183 17.21 3.59 28.43
N LEU B 184 17.89 3.15 29.49
CA LEU B 184 17.65 1.84 30.10
C LEU B 184 17.44 1.99 31.60
N THR B 185 16.93 0.94 32.24
CA THR B 185 17.01 0.83 33.69
C THR B 185 18.39 0.25 34.03
N PRO B 186 18.90 0.52 35.25
CA PRO B 186 20.17 -0.09 35.67
C PRO B 186 20.22 -1.61 35.54
N GLU B 187 19.09 -2.27 35.80
CA GLU B 187 18.98 -3.73 35.69
C GLU B 187 19.13 -4.21 34.25
N GLN B 188 18.47 -3.53 33.32
CA GLN B 188 18.62 -3.81 31.89
C GLN B 188 20.07 -3.68 31.44
N TRP B 189 20.70 -2.58 31.87
CA TRP B 189 22.12 -2.32 31.60
C TRP B 189 23.02 -3.46 32.08
N LYS B 190 22.81 -3.91 33.31
CA LYS B 190 23.60 -5.00 33.91
C LYS B 190 23.27 -6.40 33.37
N SER B 191 22.02 -6.61 32.95
CA SER B 191 21.58 -7.94 32.49
C SER B 191 22.27 -8.39 31.19
N HIS B 192 22.50 -7.45 30.28
CA HIS B 192 23.10 -7.76 28.97
C HIS B 192 24.63 -7.71 29.00
N ARG B 193 25.25 -8.56 28.16
CA ARG B 193 26.71 -8.64 28.04
C ARG B 193 27.31 -7.40 27.36
N SER B 194 26.64 -6.87 26.35
CA SER B 194 27.19 -5.78 25.52
C SER B 194 26.08 -4.91 24.89
N TYR B 195 26.46 -3.69 24.55
CA TYR B 195 25.59 -2.75 23.85
C TYR B 195 26.40 -2.04 22.77
N SER B 196 25.78 -1.83 21.60
CA SER B 196 26.47 -1.20 20.48
C SER B 196 25.68 -0.03 19.89
N CYS B 197 26.41 1.00 19.44
CA CYS B 197 25.87 2.09 18.65
C CYS B 197 26.44 1.97 17.24
N GLN B 198 25.56 1.81 16.26
CA GLN B 198 25.95 1.57 14.88
C GLN B 198 25.56 2.77 14.02
N VAL B 199 26.56 3.45 13.46
CA VAL B 199 26.38 4.68 12.70
C VAL B 199 26.67 4.39 11.24
N THR B 200 25.70 4.65 10.37
CA THR B 200 25.85 4.47 8.93
C THR B 200 25.94 5.86 8.29
N HIS B 201 26.99 6.08 7.51
CA HIS B 201 27.24 7.37 6.85
C HIS B 201 27.83 7.15 5.46
N GLU B 202 27.03 7.45 4.43
CA GLU B 202 27.46 7.37 3.04
C GLU B 202 28.00 5.97 2.70
N GLY B 203 27.18 4.96 2.97
CA GLY B 203 27.51 3.57 2.67
C GLY B 203 28.31 2.85 3.76
N SER B 204 29.22 3.57 4.42
CA SER B 204 30.12 2.99 5.42
C SER B 204 29.48 2.99 6.81
N THR B 205 29.80 1.97 7.61
CA THR B 205 29.28 1.82 8.96
C THR B 205 30.41 1.83 9.99
N VAL B 206 30.24 2.62 11.03
CA VAL B 206 31.14 2.65 12.18
C VAL B 206 30.33 2.11 13.37
N GLU B 207 30.90 1.14 14.08
CA GLU B 207 30.27 0.55 15.27
C GLU B 207 31.19 0.73 16.49
N LYS B 208 30.60 1.17 17.59
CA LYS B 208 31.27 1.21 18.89
C LYS B 208 30.47 0.38 19.88
N THR B 209 31.17 -0.24 20.82
CA THR B 209 30.59 -1.20 21.76
C THR B 209 31.02 -0.87 23.18
N VAL B 210 30.12 -1.13 24.14
CA VAL B 210 30.39 -0.89 25.56
C VAL B 210 29.67 -1.95 26.42
N ALA B 211 30.25 -2.24 27.59
CA ALA B 211 29.74 -3.29 28.48
C ALA B 211 29.90 -2.92 29.96
N PRO B 212 28.96 -3.38 30.83
CA PRO B 212 29.05 -3.04 32.27
C PRO B 212 30.33 -3.53 32.94
N THR B 213 31.01 -2.61 33.63
CA THR B 213 32.35 -2.85 34.17
C THR B 213 32.74 -1.73 35.15
N VAL C 2 10.28 -26.08 -1.86
CA VAL C 2 9.60 -24.79 -1.54
C VAL C 2 9.38 -23.82 -2.74
N GLN C 3 9.50 -24.29 -3.99
CA GLN C 3 8.96 -23.56 -5.13
C GLN C 3 8.50 -24.51 -6.24
N LEU C 4 7.28 -24.28 -6.72
CA LEU C 4 6.64 -25.05 -7.76
C LEU C 4 6.32 -24.11 -8.92
N GLN C 5 6.51 -24.56 -10.17
CA GLN C 5 6.18 -23.76 -11.36
C GLN C 5 5.69 -24.65 -12.51
N GLU C 6 4.59 -24.23 -13.15
CA GLU C 6 3.97 -24.99 -14.23
C GLU C 6 4.62 -24.63 -15.55
N SER C 7 4.81 -25.62 -16.40
CA SER C 7 5.19 -25.42 -17.78
C SER C 7 4.09 -26.00 -18.63
N GLY C 8 3.64 -25.23 -19.63
CA GLY C 8 2.44 -25.53 -20.39
C GLY C 8 2.40 -25.00 -21.83
N PRO C 9 1.43 -25.51 -22.65
CA PRO C 9 1.36 -25.19 -24.07
C PRO C 9 0.61 -23.88 -24.42
N GLY C 10 -0.23 -23.39 -23.51
CA GLY C 10 -1.00 -22.16 -23.70
C GLY C 10 -2.30 -22.38 -24.45
N LEU C 11 -2.21 -23.11 -25.57
CA LEU C 11 -3.34 -23.38 -26.44
C LEU C 11 -3.42 -24.86 -26.79
N VAL C 12 -4.56 -25.48 -26.51
CA VAL C 12 -4.88 -26.83 -26.99
C VAL C 12 -6.11 -26.79 -27.90
N LYS C 13 -6.10 -27.67 -28.90
CA LYS C 13 -7.25 -27.85 -29.76
C LYS C 13 -8.32 -28.68 -29.04
N SER C 14 -9.56 -28.43 -29.41
CA SER C 14 -10.70 -29.18 -28.87
C SER C 14 -10.55 -30.68 -29.17
N SER C 15 -10.96 -31.50 -28.21
CA SER C 15 -10.89 -32.97 -28.28
C SER C 15 -9.47 -33.57 -28.30
N GLU C 16 -8.46 -32.80 -27.88
CA GLU C 16 -7.08 -33.30 -27.77
C GLU C 16 -6.67 -33.38 -26.28
N THR C 17 -5.43 -33.78 -25.99
CA THR C 17 -4.96 -33.97 -24.59
C THR C 17 -4.12 -32.79 -24.12
N LEU C 18 -4.50 -32.21 -22.99
CA LEU C 18 -3.73 -31.15 -22.35
C LEU C 18 -2.66 -31.79 -21.48
N SER C 19 -1.40 -31.39 -21.69
CA SER C 19 -0.27 -31.86 -20.90
C SER C 19 0.45 -30.67 -20.20
N LEU C 20 0.61 -30.77 -18.88
CA LEU C 20 1.37 -29.78 -18.10
C LEU C 20 2.36 -30.50 -17.19
N THR C 21 3.49 -29.84 -16.93
CA THR C 21 4.48 -30.33 -15.94
C THR C 21 4.73 -29.27 -14.88
N CYS C 22 4.87 -29.73 -13.64
CA CYS C 22 5.26 -28.90 -12.52
C CYS C 22 6.66 -29.29 -12.10
N THR C 23 7.59 -28.32 -12.04
CA THR C 23 8.95 -28.57 -11.57
C THR C 23 9.12 -27.97 -10.17
N VAL C 24 9.57 -28.80 -9.24
CA VAL C 24 9.81 -28.40 -7.85
C VAL C 24 11.29 -28.08 -7.68
N SER C 25 11.57 -26.92 -7.09
CA SER C 25 12.94 -26.48 -6.78
C SER C 25 13.06 -26.08 -5.31
N GLY C 26 14.24 -26.27 -4.73
CA GLY C 26 14.48 -26.02 -3.31
C GLY C 26 13.85 -27.03 -2.36
N GLY C 27 13.42 -28.17 -2.89
CA GLY C 27 12.75 -29.22 -2.13
C GLY C 27 12.51 -30.45 -3.00
N SER C 28 12.01 -31.52 -2.39
CA SER C 28 11.82 -32.81 -3.08
C SER C 28 10.40 -33.34 -2.83
N TYR C 32 5.06 -36.14 0.76
CA TYR C 32 3.87 -35.31 0.63
C TYR C 32 3.05 -35.66 -0.61
N PHE C 33 1.94 -34.94 -0.80
CA PHE C 33 1.11 -35.03 -2.00
C PHE C 33 1.41 -33.86 -2.94
N TRP C 34 1.12 -34.10 -4.22
CA TRP C 34 1.46 -33.16 -5.29
C TRP C 34 0.23 -33.03 -6.17
N SER C 35 -0.26 -31.80 -6.30
CA SER C 35 -1.65 -31.57 -6.70
C SER C 35 -1.79 -30.60 -7.86
N TRP C 36 -2.90 -30.75 -8.56
CA TRP C 36 -3.33 -29.85 -9.62
C TRP C 36 -4.71 -29.28 -9.27
N ILE C 37 -4.86 -27.97 -9.45
CA ILE C 37 -6.10 -27.25 -9.23
C ILE C 37 -6.26 -26.32 -10.43
N ARG C 38 -7.48 -26.12 -10.89
CA ARG C 38 -7.72 -25.17 -12.00
C ARG C 38 -8.74 -24.12 -11.64
N GLN C 39 -8.76 -23.06 -12.45
CA GLN C 39 -9.65 -21.93 -12.26
C GLN C 39 -10.02 -21.35 -13.62
N PRO C 40 -11.26 -21.62 -14.11
CA PRO C 40 -11.69 -20.96 -15.34
C PRO C 40 -11.71 -19.44 -15.18
N PRO C 41 -11.44 -18.68 -16.26
CA PRO C 41 -11.32 -17.22 -16.10
C PRO C 41 -12.57 -16.59 -15.46
N GLY C 42 -12.35 -15.84 -14.37
CA GLY C 42 -13.44 -15.20 -13.63
C GLY C 42 -14.32 -16.12 -12.79
N LYS C 43 -13.91 -17.36 -12.59
CA LYS C 43 -14.71 -18.36 -11.86
C LYS C 43 -13.91 -18.90 -10.67
N GLY C 44 -14.43 -19.92 -9.98
CA GLY C 44 -13.81 -20.46 -8.77
C GLY C 44 -12.77 -21.55 -9.01
N LEU C 45 -12.11 -21.93 -7.92
CA LEU C 45 -11.10 -22.99 -7.95
C LEU C 45 -11.78 -24.35 -8.05
N GLU C 46 -11.16 -25.28 -8.78
CA GLU C 46 -11.64 -26.65 -8.91
C GLU C 46 -10.47 -27.59 -8.73
N TRP C 47 -10.55 -28.46 -7.74
CA TRP C 47 -9.53 -29.48 -7.48
C TRP C 47 -9.58 -30.54 -8.58
N ILE C 48 -8.44 -30.86 -9.16
CA ILE C 48 -8.35 -31.88 -10.22
C ILE C 48 -7.92 -33.21 -9.62
N GLY C 49 -6.87 -33.19 -8.81
CA GLY C 49 -6.37 -34.40 -8.18
C GLY C 49 -5.05 -34.18 -7.47
N TYR C 50 -4.56 -35.24 -6.82
CA TYR C 50 -3.18 -35.24 -6.34
C TYR C 50 -2.55 -36.63 -6.41
N ILE C 51 -1.23 -36.65 -6.29
CA ILE C 51 -0.44 -37.87 -6.30
C ILE C 51 0.42 -37.88 -5.04
N TYR C 52 0.45 -39.01 -4.33
CA TYR C 52 1.32 -39.16 -3.17
C TYR C 52 2.71 -39.49 -3.68
N TYR C 53 3.74 -39.20 -2.90
CA TYR C 53 5.14 -39.40 -3.38
C TYR C 53 5.43 -40.86 -3.78
N SER C 54 4.71 -41.81 -3.17
CA SER C 54 4.85 -43.24 -3.47
C SER C 54 4.15 -43.70 -4.77
N GLY C 55 3.36 -42.83 -5.40
CA GLY C 55 2.75 -43.13 -6.69
C GLY C 55 1.23 -43.22 -6.72
N SER C 56 0.58 -43.43 -5.57
CA SER C 56 -0.89 -43.49 -5.49
C SER C 56 -1.53 -42.21 -6.03
N THR C 57 -2.49 -42.36 -6.94
CA THR C 57 -3.21 -41.22 -7.52
C THR C 57 -4.65 -41.18 -7.02
N ASN C 58 -5.16 -39.96 -6.83
CA ASN C 58 -6.56 -39.75 -6.46
C ASN C 58 -7.05 -38.50 -7.19
N TYR C 59 -8.15 -38.63 -7.94
CA TYR C 59 -8.66 -37.57 -8.80
C TYR C 59 -10.06 -37.14 -8.39
N ASN C 60 -10.45 -35.95 -8.85
CA ASN C 60 -11.82 -35.46 -8.73
C ASN C 60 -12.76 -36.45 -9.44
N PRO C 61 -13.79 -36.98 -8.74
CA PRO C 61 -14.69 -37.97 -9.35
C PRO C 61 -15.34 -37.56 -10.67
N SER C 62 -15.60 -36.27 -10.89
CA SER C 62 -16.21 -35.81 -12.16
C SER C 62 -15.22 -35.82 -13.31
N LEU C 63 -13.92 -35.77 -13.01
CA LEU C 63 -12.86 -35.73 -14.03
C LEU C 63 -12.07 -37.04 -14.15
N LYS C 64 -12.36 -38.00 -13.28
CA LYS C 64 -11.60 -39.24 -13.07
C LYS C 64 -11.11 -39.95 -14.35
N SER C 65 -12.03 -40.24 -15.27
CA SER C 65 -11.70 -41.00 -16.48
C SER C 65 -10.81 -40.24 -17.47
N ARG C 66 -10.64 -38.93 -17.27
CA ARG C 66 -9.88 -38.06 -18.17
C ARG C 66 -8.51 -37.63 -17.64
N VAL C 67 -8.26 -37.82 -16.34
CA VAL C 67 -7.08 -37.25 -15.66
C VAL C 67 -6.00 -38.32 -15.42
N THR C 68 -4.77 -37.95 -15.71
CA THR C 68 -3.59 -38.69 -15.29
C THR C 68 -2.64 -37.73 -14.58
N ILE C 69 -2.21 -38.10 -13.37
CA ILE C 69 -1.13 -37.40 -12.69
C ILE C 69 0.00 -38.40 -12.50
N SER C 70 1.21 -38.01 -12.87
CA SER C 70 2.38 -38.88 -12.81
C SER C 70 3.55 -38.17 -12.15
N LEU C 71 4.36 -38.97 -11.45
CA LEU C 71 5.57 -38.50 -10.81
C LEU C 71 6.79 -38.77 -11.70
N HIS C 72 7.72 -37.81 -11.73
CA HIS C 72 8.99 -37.97 -12.45
C HIS C 72 10.12 -37.59 -11.49
N THR C 73 10.51 -38.57 -10.66
CA THR C 73 11.44 -38.32 -9.56
C THR C 73 12.87 -37.99 -9.99
N SER C 74 13.34 -38.54 -11.11
CA SER C 74 14.68 -38.20 -11.62
C SER C 74 14.79 -36.75 -12.13
N LYS C 75 13.66 -36.10 -12.36
CA LYS C 75 13.62 -34.67 -12.71
C LYS C 75 13.01 -33.78 -11.62
N ASN C 76 12.50 -34.39 -10.54
CA ASN C 76 11.83 -33.66 -9.47
C ASN C 76 10.59 -32.92 -10.01
N GLN C 77 9.85 -33.62 -10.87
CA GLN C 77 8.67 -33.08 -11.53
C GLN C 77 7.47 -33.99 -11.32
N PHE C 78 6.29 -33.41 -11.44
CA PHE C 78 5.05 -34.17 -11.62
C PHE C 78 4.21 -33.54 -12.74
N SER C 79 3.45 -34.37 -13.43
CA SER C 79 2.73 -33.94 -14.63
C SER C 79 1.22 -34.17 -14.52
N LEU C 80 0.49 -33.46 -15.38
CA LEU C 80 -0.94 -33.64 -15.56
C LEU C 80 -1.23 -33.90 -17.03
N LYS C 81 -2.06 -34.90 -17.30
CA LYS C 81 -2.67 -35.07 -18.62
C LYS C 81 -4.19 -35.05 -18.43
N LEU C 82 -4.85 -34.19 -19.22
CA LEU C 82 -6.29 -34.10 -19.24
C LEU C 82 -6.75 -34.37 -20.67
N SER C 83 -7.38 -35.53 -20.88
CA SER C 83 -7.84 -35.93 -22.22
C SER C 83 -9.17 -35.28 -22.56
N SER C 84 -9.57 -35.38 -23.84
CA SER C 84 -10.93 -35.06 -24.28
C SER C 84 -11.34 -33.61 -23.98
N VAL C 85 -10.41 -32.67 -24.16
CA VAL C 85 -10.63 -31.29 -23.69
C VAL C 85 -11.67 -30.59 -24.58
N THR C 86 -12.53 -29.77 -23.95
CA THR C 86 -13.46 -28.88 -24.67
C THR C 86 -13.30 -27.45 -24.12
N ALA C 87 -14.03 -26.49 -24.67
CA ALA C 87 -13.93 -25.07 -24.22
C ALA C 87 -14.15 -24.88 -22.71
N ALA C 88 -14.95 -25.75 -22.10
CA ALA C 88 -15.15 -25.79 -20.64
C ALA C 88 -13.89 -26.10 -19.83
N ASP C 89 -12.88 -26.68 -20.46
CA ASP C 89 -11.59 -26.91 -19.81
C ASP C 89 -10.61 -25.73 -19.90
N THR C 90 -11.04 -24.62 -20.53
CA THR C 90 -10.26 -23.38 -20.53
C THR C 90 -10.13 -22.85 -19.11
N ALA C 91 -8.90 -22.74 -18.62
CA ALA C 91 -8.67 -22.37 -17.24
C ALA C 91 -7.21 -22.07 -16.97
N VAL C 92 -6.97 -21.39 -15.86
CA VAL C 92 -5.63 -21.30 -15.28
C VAL C 92 -5.42 -22.59 -14.51
N TYR C 93 -4.35 -23.31 -14.84
CA TYR C 93 -3.98 -24.55 -14.16
C TYR C 93 -2.82 -24.30 -13.20
N TYR C 94 -3.05 -24.60 -11.93
CA TYR C 94 -2.05 -24.44 -10.88
C TYR C 94 -1.57 -25.80 -10.41
N CYS C 95 -0.27 -25.94 -10.19
CA CYS C 95 0.26 -27.03 -9.38
C CYS C 95 0.46 -26.51 -7.96
N ALA C 96 0.41 -27.43 -7.00
CA ALA C 96 0.57 -27.10 -5.60
C ALA C 96 1.02 -28.30 -4.79
N ARG C 97 1.81 -28.05 -3.75
CA ARG C 97 2.16 -29.09 -2.79
C ARG C 97 1.02 -29.18 -1.79
N HIS C 98 0.65 -30.41 -1.46
CA HIS C 98 -0.36 -30.67 -0.43
C HIS C 98 0.31 -31.44 0.71
N ARG C 99 0.31 -30.84 1.90
CA ARG C 99 0.96 -31.41 3.08
C ARG C 99 0.12 -31.13 4.32
N ASN C 100 -0.05 -32.13 5.16
CA ASN C 100 -0.85 -32.01 6.40
C ASN C 100 -2.22 -31.36 6.17
N TRP C 101 -2.93 -31.86 5.16
CA TRP C 101 -4.34 -31.54 4.90
C TRP C 101 -4.57 -30.09 4.39
N LEU C 102 -3.57 -29.52 3.75
CA LEU C 102 -3.68 -28.18 3.17
C LEU C 102 -2.75 -28.02 1.97
N PHE C 103 -3.07 -27.03 1.12
CA PHE C 103 -2.29 -26.71 -0.08
C PHE C 103 -1.42 -25.49 0.18
N ASP C 104 -0.11 -25.68 0.39
CA ASP C 104 0.73 -24.62 0.99
C ASP C 104 1.64 -23.80 0.07
N TYR C 105 2.19 -24.43 -0.99
CA TYR C 105 3.03 -23.74 -1.97
C TYR C 105 2.43 -23.94 -3.36
N TRP C 106 1.95 -22.85 -3.98
CA TRP C 106 1.31 -22.90 -5.29
C TRP C 106 2.23 -22.32 -6.35
N GLY C 107 2.19 -22.87 -7.56
CA GLY C 107 2.81 -22.22 -8.72
C GLY C 107 2.06 -20.96 -9.14
N GLN C 108 2.68 -20.19 -10.03
CA GLN C 108 2.06 -18.96 -10.57
C GLN C 108 0.84 -19.23 -11.45
N GLY C 109 0.74 -20.46 -11.98
CA GLY C 109 -0.38 -20.86 -12.82
C GLY C 109 -0.06 -20.60 -14.28
N THR C 110 -0.75 -21.33 -15.15
CA THR C 110 -0.59 -21.17 -16.60
C THR C 110 -1.99 -21.23 -17.23
N LEU C 111 -2.35 -20.20 -18.00
CA LEU C 111 -3.62 -20.19 -18.70
C LEU C 111 -3.56 -21.20 -19.82
N VAL C 112 -4.52 -22.11 -19.86
CA VAL C 112 -4.71 -22.98 -21.02
C VAL C 112 -6.06 -22.64 -21.65
N THR C 113 -6.03 -22.26 -22.92
CA THR C 113 -7.23 -21.99 -23.71
C THR C 113 -7.49 -23.20 -24.60
N VAL C 114 -8.72 -23.69 -24.58
CA VAL C 114 -9.14 -24.80 -25.44
C VAL C 114 -9.97 -24.24 -26.59
N SER C 115 -9.37 -24.16 -27.78
CA SER C 115 -10.07 -23.74 -29.01
C SER C 115 -9.35 -24.35 -30.22
N SER C 116 -10.12 -24.91 -31.14
CA SER C 116 -9.59 -25.33 -32.44
C SER C 116 -9.80 -24.27 -33.53
N ALA C 117 -10.10 -23.03 -33.13
CA ALA C 117 -10.27 -21.92 -34.08
C ALA C 117 -8.98 -21.58 -34.81
N SER C 118 -9.08 -21.37 -36.11
CA SER C 118 -8.09 -20.67 -36.91
C SER C 118 -8.18 -19.16 -36.70
N THR C 119 -7.11 -18.45 -37.01
CA THR C 119 -7.10 -16.98 -36.99
C THR C 119 -8.29 -16.43 -37.77
N LYS C 120 -9.00 -15.49 -37.14
CA LYS C 120 -10.18 -14.88 -37.75
C LYS C 120 -10.35 -13.45 -37.26
N GLY C 121 -10.61 -12.53 -38.18
CA GLY C 121 -10.87 -11.13 -37.87
C GLY C 121 -12.31 -10.94 -37.41
N PRO C 122 -12.56 -9.92 -36.59
CA PRO C 122 -13.87 -9.72 -36.01
C PRO C 122 -14.89 -9.12 -36.96
N SER C 123 -16.15 -9.44 -36.74
CA SER C 123 -17.24 -8.64 -37.29
C SER C 123 -17.51 -7.57 -36.26
N VAL C 124 -17.69 -6.33 -36.73
CA VAL C 124 -17.95 -5.17 -35.87
C VAL C 124 -19.37 -4.67 -36.15
N PHE C 125 -20.22 -4.71 -35.12
CA PHE C 125 -21.61 -4.32 -35.23
C PHE C 125 -21.85 -3.10 -34.37
N PRO C 126 -22.70 -2.14 -34.84
CA PRO C 126 -22.97 -0.95 -34.03
C PRO C 126 -23.96 -1.20 -32.89
N LEU C 127 -23.71 -0.57 -31.76
CA LEU C 127 -24.64 -0.53 -30.63
C LEU C 127 -25.16 0.90 -30.61
N ALA C 128 -26.27 1.12 -31.30
CA ALA C 128 -26.78 2.46 -31.57
C ALA C 128 -27.49 3.03 -30.34
N PRO C 129 -27.33 4.34 -30.08
CA PRO C 129 -28.05 4.98 -28.97
C PRO C 129 -29.53 5.21 -29.28
N THR C 138 -27.49 12.03 -20.88
CA THR C 138 -26.44 11.29 -21.60
C THR C 138 -26.98 10.05 -22.29
N ALA C 139 -26.29 9.63 -23.34
CA ALA C 139 -26.64 8.42 -24.09
C ALA C 139 -25.42 7.53 -24.23
N ALA C 140 -25.65 6.22 -24.14
CA ALA C 140 -24.60 5.23 -24.32
C ALA C 140 -24.64 4.73 -25.76
N LEU C 141 -23.48 4.57 -26.36
CA LEU C 141 -23.37 3.92 -27.67
C LEU C 141 -22.08 3.12 -27.68
N GLY C 142 -21.96 2.20 -28.63
CA GLY C 142 -20.81 1.33 -28.67
C GLY C 142 -20.65 0.50 -29.92
N CYS C 143 -19.70 -0.43 -29.85
CA CYS C 143 -19.40 -1.37 -30.92
C CYS C 143 -19.25 -2.76 -30.32
N LEU C 144 -19.94 -3.72 -30.92
CA LEU C 144 -19.80 -5.14 -30.58
C LEU C 144 -18.76 -5.74 -31.53
N VAL C 145 -17.64 -6.20 -30.99
CA VAL C 145 -16.55 -6.80 -31.72
C VAL C 145 -16.62 -8.33 -31.58
N LYS C 146 -17.10 -8.99 -32.63
CA LYS C 146 -17.58 -10.37 -32.51
C LYS C 146 -16.82 -11.42 -33.32
N ASP C 147 -16.61 -12.58 -32.70
CA ASP C 147 -16.15 -13.81 -33.35
C ASP C 147 -14.76 -13.66 -33.98
N TYR C 148 -13.79 -13.28 -33.15
CA TYR C 148 -12.38 -13.20 -33.57
C TYR C 148 -11.53 -14.20 -32.80
N PHE C 149 -10.36 -14.47 -33.34
CA PHE C 149 -9.38 -15.34 -32.72
C PHE C 149 -8.01 -15.11 -33.38
N PRO C 150 -6.91 -15.10 -32.62
CA PRO C 150 -6.85 -15.14 -31.15
C PRO C 150 -6.97 -13.74 -30.56
N GLU C 151 -6.77 -13.60 -29.27
CA GLU C 151 -6.56 -12.26 -28.66
C GLU C 151 -5.23 -11.67 -29.16
N PRO C 152 -5.03 -10.35 -29.10
CA PRO C 152 -5.98 -9.37 -28.55
C PRO C 152 -6.63 -8.51 -29.63
N VAL C 153 -7.60 -7.71 -29.20
CA VAL C 153 -8.12 -6.60 -29.98
C VAL C 153 -7.90 -5.34 -29.18
N THR C 154 -7.64 -4.22 -29.87
CA THR C 154 -7.69 -2.89 -29.27
C THR C 154 -8.85 -2.15 -29.90
N VAL C 155 -9.59 -1.41 -29.07
CA VAL C 155 -10.62 -0.50 -29.57
C VAL C 155 -10.28 0.90 -29.09
N SER C 156 -10.34 1.85 -30.02
CA SER C 156 -10.26 3.26 -29.66
C SER C 156 -11.46 3.95 -30.29
N TRP C 157 -11.67 5.21 -29.92
CA TRP C 157 -12.78 5.99 -30.44
C TRP C 157 -12.26 7.30 -31.02
N ASN C 158 -12.73 7.62 -32.23
CA ASN C 158 -12.31 8.82 -32.96
C ASN C 158 -10.79 8.96 -33.03
N SER C 159 -10.16 7.85 -33.46
CA SER C 159 -8.71 7.71 -33.59
C SER C 159 -7.94 8.07 -32.31
N GLY C 160 -8.50 7.69 -31.16
CA GLY C 160 -7.90 7.98 -29.87
C GLY C 160 -8.20 9.36 -29.28
N ALA C 161 -8.85 10.23 -30.05
CA ALA C 161 -9.17 11.58 -29.58
C ALA C 161 -10.25 11.58 -28.49
N LEU C 162 -11.17 10.63 -28.54
CA LEU C 162 -12.24 10.54 -27.54
C LEU C 162 -11.90 9.47 -26.51
N THR C 163 -11.58 9.89 -25.29
CA THR C 163 -11.26 8.97 -24.19
C THR C 163 -12.19 9.08 -22.96
N SER C 164 -12.80 10.24 -22.74
CA SER C 164 -13.74 10.41 -21.61
C SER C 164 -15.03 9.63 -21.85
N GLY C 165 -15.43 8.88 -20.83
CA GLY C 165 -16.63 8.04 -20.90
C GLY C 165 -16.48 6.75 -21.68
N VAL C 166 -15.27 6.45 -22.17
CA VAL C 166 -15.01 5.24 -22.95
C VAL C 166 -14.76 4.08 -22.01
N HIS C 167 -15.35 2.92 -22.30
CA HIS C 167 -14.96 1.69 -21.64
C HIS C 167 -14.98 0.51 -22.61
N THR C 168 -13.86 -0.20 -22.70
CA THR C 168 -13.74 -1.41 -23.49
C THR C 168 -13.69 -2.60 -22.54
N PHE C 169 -14.59 -3.54 -22.75
CA PHE C 169 -14.77 -4.66 -21.84
C PHE C 169 -13.80 -5.77 -22.12
N PRO C 170 -13.50 -6.60 -21.10
CA PRO C 170 -12.69 -7.79 -21.36
C PRO C 170 -13.41 -8.77 -22.29
N ALA C 171 -12.64 -9.56 -23.02
CA ALA C 171 -13.20 -10.49 -23.99
C ALA C 171 -13.87 -11.66 -23.29
N VAL C 172 -14.90 -12.19 -23.94
CA VAL C 172 -15.52 -13.44 -23.57
C VAL C 172 -15.15 -14.47 -24.63
N LEU C 173 -14.71 -15.66 -24.22
CA LEU C 173 -14.51 -16.81 -25.11
C LEU C 173 -15.79 -17.64 -25.18
N GLN C 174 -16.45 -17.62 -26.34
CA GLN C 174 -17.72 -18.32 -26.51
C GLN C 174 -17.48 -19.82 -26.70
N SER C 175 -18.53 -20.63 -26.60
CA SER C 175 -18.46 -22.08 -26.82
C SER C 175 -17.98 -22.45 -28.24
N SER C 176 -18.16 -21.53 -29.19
CA SER C 176 -17.61 -21.66 -30.55
C SER C 176 -16.08 -21.71 -30.61
N GLY C 177 -15.40 -21.29 -29.54
CA GLY C 177 -13.93 -21.16 -29.56
C GLY C 177 -13.44 -19.81 -30.07
N LEU C 178 -14.36 -18.87 -30.32
CA LEU C 178 -14.05 -17.52 -30.77
C LEU C 178 -14.36 -16.49 -29.68
N TYR C 179 -13.64 -15.38 -29.67
CA TYR C 179 -13.83 -14.31 -28.69
C TYR C 179 -14.83 -13.26 -29.16
N SER C 180 -15.44 -12.58 -28.19
CA SER C 180 -16.23 -11.38 -28.46
C SER C 180 -15.98 -10.35 -27.38
N LEU C 181 -16.04 -9.08 -27.74
CA LEU C 181 -16.02 -8.01 -26.75
C LEU C 181 -16.85 -6.82 -27.21
N SER C 182 -17.06 -5.91 -26.28
CA SER C 182 -17.79 -4.68 -26.55
C SER C 182 -16.98 -3.51 -26.07
N SER C 183 -17.22 -2.36 -26.70
CA SER C 183 -16.66 -1.10 -26.25
C SER C 183 -17.79 -0.08 -26.28
N VAL C 184 -17.85 0.77 -25.25
CA VAL C 184 -18.96 1.72 -25.11
C VAL C 184 -18.43 3.09 -24.77
N VAL C 185 -19.18 4.10 -25.19
CA VAL C 185 -18.92 5.47 -24.83
C VAL C 185 -20.22 6.12 -24.38
N THR C 186 -20.16 6.84 -23.25
CA THR C 186 -21.27 7.62 -22.75
C THR C 186 -21.03 9.06 -23.17
N VAL C 187 -21.93 9.60 -23.99
CA VAL C 187 -21.79 10.95 -24.55
C VAL C 187 -23.02 11.80 -24.22
N PRO C 188 -22.94 13.14 -24.37
CA PRO C 188 -24.15 13.95 -24.21
C PRO C 188 -25.15 13.69 -25.34
N SER C 189 -26.43 13.51 -25.00
CA SER C 189 -27.43 13.14 -25.99
C SER C 189 -27.71 14.23 -27.05
N SER C 190 -27.21 15.44 -26.83
CA SER C 190 -27.26 16.52 -27.83
C SER C 190 -26.01 16.52 -28.69
N GLY C 193 -26.33 13.77 -32.75
CA GLY C 193 -26.75 14.28 -34.07
C GLY C 193 -25.91 15.41 -34.69
N THR C 194 -24.74 15.69 -34.11
CA THR C 194 -23.78 16.65 -34.68
C THR C 194 -22.36 16.04 -34.68
N GLN C 195 -21.90 15.60 -33.52
CA GLN C 195 -20.67 14.79 -33.41
C GLN C 195 -20.81 13.41 -34.06
N THR C 196 -19.71 12.92 -34.64
CA THR C 196 -19.62 11.54 -35.11
C THR C 196 -18.80 10.73 -34.14
N TYR C 197 -19.21 9.49 -33.93
CA TYR C 197 -18.55 8.58 -33.00
C TYR C 197 -18.17 7.31 -33.77
N THR C 198 -16.87 7.09 -33.93
CA THR C 198 -16.33 6.03 -34.76
C THR C 198 -15.44 5.15 -33.90
N CYS C 199 -15.76 3.86 -33.83
CA CYS C 199 -14.88 2.91 -33.14
C CYS C 199 -13.84 2.38 -34.13
N ASN C 200 -12.59 2.39 -33.70
CA ASN C 200 -11.47 1.93 -34.50
C ASN C 200 -11.03 0.63 -33.87
N VAL C 201 -11.24 -0.47 -34.59
CA VAL C 201 -10.94 -1.81 -34.08
C VAL C 201 -9.69 -2.30 -34.76
N ASP C 202 -8.75 -2.79 -33.98
CA ASP C 202 -7.48 -3.28 -34.48
C ASP C 202 -7.33 -4.72 -34.03
N HIS C 203 -7.27 -5.65 -34.98
CA HIS C 203 -7.00 -7.06 -34.69
C HIS C 203 -5.75 -7.50 -35.46
N LYS C 204 -4.61 -7.29 -34.84
CA LYS C 204 -3.32 -7.58 -35.45
C LYS C 204 -3.11 -9.04 -35.90
N PRO C 205 -3.53 -10.03 -35.10
CA PRO C 205 -3.33 -11.43 -35.50
C PRO C 205 -3.90 -11.79 -36.87
N SER C 206 -5.05 -11.22 -37.24
CA SER C 206 -5.61 -11.41 -38.59
C SER C 206 -5.27 -10.27 -39.57
N ASN C 207 -4.37 -9.36 -39.19
CA ASN C 207 -4.02 -8.16 -39.97
C ASN C 207 -5.21 -7.33 -40.39
N THR C 208 -6.16 -7.14 -39.45
CA THR C 208 -7.43 -6.49 -39.73
C THR C 208 -7.58 -5.20 -38.91
N LYS C 209 -8.05 -4.15 -39.58
CA LYS C 209 -8.51 -2.93 -38.93
C LYS C 209 -9.89 -2.58 -39.47
N VAL C 210 -10.83 -2.26 -38.58
CA VAL C 210 -12.19 -1.87 -38.96
C VAL C 210 -12.51 -0.53 -38.28
N ASP C 211 -12.98 0.45 -39.06
CA ASP C 211 -13.59 1.67 -38.52
C ASP C 211 -15.08 1.59 -38.75
N LYS C 212 -15.86 1.78 -37.67
CA LYS C 212 -17.31 1.73 -37.72
C LYS C 212 -17.89 2.98 -37.06
N THR C 213 -18.51 3.84 -37.86
CA THR C 213 -19.20 5.02 -37.32
C THR C 213 -20.61 4.61 -36.88
N VAL C 214 -20.92 4.87 -35.61
CA VAL C 214 -22.15 4.40 -34.96
C VAL C 214 -23.12 5.57 -34.86
N GLU C 215 -24.36 5.37 -35.32
CA GLU C 215 -25.37 6.44 -35.35
C GLU C 215 -26.79 5.96 -35.04
N ARG C 216 -27.70 6.94 -34.87
CA ARG C 216 -29.11 6.81 -34.42
C ARG C 216 -29.21 7.17 -32.94
N ALA D 3 -19.60 -28.04 -5.05
CA ALA D 3 -18.81 -26.91 -4.48
C ALA D 3 -19.41 -26.36 -3.19
N LEU D 4 -18.56 -25.94 -2.26
CA LEU D 4 -19.00 -25.41 -0.97
C LEU D 4 -19.57 -24.00 -1.19
N THR D 5 -20.72 -23.72 -0.57
CA THR D 5 -21.45 -22.47 -0.82
C THR D 5 -20.85 -21.30 -0.03
N GLN D 6 -20.45 -20.24 -0.73
CA GLN D 6 -20.00 -18.99 -0.12
C GLN D 6 -20.83 -17.82 -0.65
N PRO D 7 -20.92 -16.71 0.12
CA PRO D 7 -21.53 -15.51 -0.45
C PRO D 7 -20.63 -14.94 -1.56
N ARG D 8 -21.23 -14.32 -2.56
CA ARG D 8 -20.45 -13.75 -3.67
C ARG D 8 -19.62 -12.54 -3.23
N SER D 9 -20.19 -11.73 -2.36
CA SER D 9 -19.65 -10.43 -2.01
C SER D 9 -19.82 -10.15 -0.52
N VAL D 10 -18.75 -9.66 0.11
CA VAL D 10 -18.84 -8.95 1.39
C VAL D 10 -17.95 -7.72 1.35
N SER D 11 -18.27 -6.77 2.22
CA SER D 11 -17.54 -5.53 2.27
C SER D 11 -17.54 -4.88 3.64
N GLY D 12 -16.53 -4.03 3.85
CA GLY D 12 -16.43 -3.21 5.05
C GLY D 12 -15.42 -2.09 4.82
N SER D 13 -15.56 -1.02 5.61
CA SER D 13 -14.56 0.05 5.64
C SER D 13 -13.29 -0.42 6.34
N PRO D 14 -12.14 0.27 6.11
CA PRO D 14 -10.93 -0.04 6.87
C PRO D 14 -11.19 0.02 8.37
N GLY D 15 -10.68 -0.97 9.09
CA GLY D 15 -10.89 -1.09 10.54
C GLY D 15 -12.09 -1.92 10.94
N GLN D 16 -13.03 -2.17 10.03
CA GLN D 16 -14.21 -2.99 10.33
C GLN D 16 -13.92 -4.48 10.21
N SER D 17 -14.88 -5.29 10.62
CA SER D 17 -14.82 -6.73 10.51
C SER D 17 -15.76 -7.24 9.44
N VAL D 18 -15.38 -8.36 8.80
CA VAL D 18 -16.26 -9.10 7.91
C VAL D 18 -16.11 -10.59 8.20
N THR D 19 -17.17 -11.33 7.96
CA THR D 19 -17.20 -12.78 8.13
C THR D 19 -17.69 -13.42 6.85
N ILE D 20 -16.98 -14.45 6.40
CA ILE D 20 -17.30 -15.18 5.17
C ILE D 20 -17.72 -16.59 5.57
N SER D 21 -18.94 -16.98 5.21
CA SER D 21 -19.44 -18.34 5.47
C SER D 21 -19.08 -19.29 4.33
N CYS D 22 -19.01 -20.58 4.67
CA CYS D 22 -18.65 -21.65 3.75
C CYS D 22 -19.43 -22.91 4.11
N THR D 23 -20.55 -23.12 3.42
CA THR D 23 -21.51 -24.17 3.80
C THR D 23 -21.32 -25.42 2.95
N GLY D 24 -21.00 -26.52 3.63
CA GLY D 24 -20.82 -27.82 3.00
C GLY D 24 -21.87 -28.80 3.48
N THR D 25 -21.46 -30.06 3.60
CA THR D 25 -22.32 -31.18 3.99
C THR D 25 -21.60 -31.92 5.12
N SER D 26 -22.30 -32.87 5.75
CA SER D 26 -21.69 -33.73 6.77
C SER D 26 -20.57 -34.66 6.25
N SER D 27 -20.46 -34.85 4.93
CA SER D 27 -19.35 -35.60 4.32
C SER D 27 -18.11 -34.77 3.91
N ASP D 28 -18.13 -33.47 4.19
CA ASP D 28 -16.94 -32.63 3.97
C ASP D 28 -16.70 -31.65 5.13
N VAL D 29 -17.26 -30.43 5.10
CA VAL D 29 -16.98 -29.42 6.13
C VAL D 29 -17.34 -29.92 7.53
N GLY D 30 -18.53 -30.51 7.66
CA GLY D 30 -19.00 -31.08 8.93
C GLY D 30 -18.61 -32.53 9.18
N GLY D 31 -17.75 -33.10 8.32
CA GLY D 31 -17.24 -34.46 8.51
C GLY D 31 -15.84 -34.54 9.10
N TYR D 32 -15.05 -33.48 8.92
CA TYR D 32 -13.65 -33.45 9.39
C TYR D 32 -13.35 -32.05 9.89
N ASN D 33 -12.18 -31.89 10.51
CA ASN D 33 -11.63 -30.56 10.82
C ASN D 33 -10.42 -30.27 9.94
N TYR D 34 -10.60 -30.50 8.64
CA TYR D 34 -9.57 -30.26 7.63
C TYR D 34 -10.08 -29.19 6.67
N VAL D 35 -10.44 -28.05 7.24
CA VAL D 35 -10.91 -26.89 6.49
C VAL D 35 -9.78 -25.89 6.40
N SER D 36 -9.50 -25.45 5.18
CA SER D 36 -8.47 -24.44 4.94
C SER D 36 -9.07 -23.32 4.10
N TRP D 37 -8.45 -22.13 4.21
CA TRP D 37 -8.91 -20.93 3.51
C TRP D 37 -7.76 -20.35 2.73
N TYR D 38 -8.07 -19.81 1.55
CA TYR D 38 -7.07 -19.28 0.61
C TYR D 38 -7.43 -17.88 0.17
N GLN D 39 -6.41 -17.02 0.08
CA GLN D 39 -6.55 -15.65 -0.38
C GLN D 39 -5.99 -15.56 -1.79
N GLN D 40 -6.70 -14.88 -2.69
CA GLN D 40 -6.26 -14.70 -4.07
C GLN D 40 -6.43 -13.26 -4.52
N HIS D 41 -5.31 -12.60 -4.76
CA HIS D 41 -5.30 -11.29 -5.41
C HIS D 41 -5.34 -11.48 -6.93
N PRO D 42 -5.76 -10.45 -7.68
CA PRO D 42 -5.85 -10.57 -9.14
C PRO D 42 -4.56 -11.07 -9.82
N GLY D 43 -4.70 -12.09 -10.65
CA GLY D 43 -3.59 -12.64 -11.42
C GLY D 43 -2.59 -13.47 -10.66
N LYS D 44 -2.83 -13.71 -9.37
CA LYS D 44 -1.87 -14.40 -8.49
C LYS D 44 -2.39 -15.77 -8.11
N ALA D 45 -1.48 -16.61 -7.63
CA ALA D 45 -1.83 -17.91 -7.07
C ALA D 45 -2.54 -17.74 -5.72
N PRO D 46 -3.43 -18.68 -5.37
CA PRO D 46 -3.99 -18.68 -4.01
C PRO D 46 -2.90 -18.86 -2.96
N LYS D 47 -3.11 -18.24 -1.80
CA LYS D 47 -2.18 -18.28 -0.67
C LYS D 47 -2.94 -18.73 0.57
N VAL D 48 -2.46 -19.79 1.22
CA VAL D 48 -3.11 -20.31 2.44
C VAL D 48 -3.11 -19.29 3.60
N MET D 49 -4.29 -19.02 4.16
CA MET D 49 -4.44 -18.13 5.32
C MET D 49 -4.85 -18.85 6.61
N ILE D 50 -5.60 -19.94 6.49
CA ILE D 50 -6.05 -20.76 7.63
C ILE D 50 -6.00 -22.23 7.24
N TYR D 51 -5.63 -23.10 8.18
CA TYR D 51 -5.76 -24.54 7.99
C TYR D 51 -6.26 -25.20 9.27
N ASP D 52 -6.72 -26.45 9.15
CA ASP D 52 -7.35 -27.17 10.26
C ASP D 52 -8.40 -26.31 10.98
N VAL D 53 -9.31 -25.72 10.20
CA VAL D 53 -10.40 -24.86 10.69
C VAL D 53 -9.95 -23.50 11.24
N SER D 54 -9.04 -23.50 12.22
CA SER D 54 -8.68 -22.29 12.98
C SER D 54 -7.20 -21.92 13.06
N LYS D 55 -6.28 -22.78 12.58
CA LYS D 55 -4.85 -22.49 12.72
C LYS D 55 -4.35 -21.56 11.62
N ARG D 56 -3.46 -20.65 11.99
CA ARG D 56 -2.82 -19.72 11.06
C ARG D 56 -1.42 -20.22 10.70
N PRO D 57 -1.06 -20.21 9.40
CA PRO D 57 0.35 -20.39 9.04
C PRO D 57 1.22 -19.25 9.56
N SER D 58 2.52 -19.51 9.68
CA SER D 58 3.49 -18.48 10.12
C SER D 58 3.46 -17.33 9.09
N GLY D 59 3.47 -16.10 9.60
CA GLY D 59 3.41 -14.90 8.75
C GLY D 59 2.03 -14.35 8.44
N VAL D 60 0.98 -15.17 8.61
CA VAL D 60 -0.40 -14.71 8.41
C VAL D 60 -0.80 -13.86 9.62
N PRO D 61 -1.25 -12.61 9.39
CA PRO D 61 -1.62 -11.74 10.52
C PRO D 61 -2.76 -12.29 11.39
N ASP D 62 -2.71 -11.97 12.69
CA ASP D 62 -3.71 -12.49 13.64
C ASP D 62 -5.13 -11.93 13.46
N ARG D 63 -5.30 -10.90 12.63
CA ARG D 63 -6.64 -10.42 12.27
C ARG D 63 -7.48 -11.42 11.45
N PHE D 64 -6.83 -12.43 10.85
CA PHE D 64 -7.52 -13.55 10.21
C PHE D 64 -7.75 -14.69 11.20
N SER D 65 -9.01 -15.09 11.35
CA SER D 65 -9.37 -16.23 12.21
C SER D 65 -10.40 -17.14 11.52
N GLY D 66 -10.37 -18.42 11.88
CA GLY D 66 -11.24 -19.43 11.30
C GLY D 66 -12.07 -20.12 12.37
N SER D 67 -13.28 -20.52 12.00
CA SER D 67 -14.17 -21.23 12.91
C SER D 67 -15.08 -22.17 12.13
N LYS D 68 -15.83 -22.98 12.87
CA LYS D 68 -16.78 -23.91 12.28
C LYS D 68 -18.01 -24.12 13.17
N SER D 69 -19.15 -24.30 12.51
CA SER D 69 -20.44 -24.53 13.16
C SER D 69 -21.25 -25.46 12.28
N GLY D 70 -21.54 -26.67 12.78
CA GLY D 70 -22.21 -27.71 11.99
C GLY D 70 -21.48 -27.98 10.67
N ASN D 71 -22.17 -27.75 9.55
CA ASN D 71 -21.57 -27.88 8.23
C ASN D 71 -21.10 -26.56 7.62
N THR D 72 -20.93 -25.52 8.44
CA THR D 72 -20.52 -24.20 7.96
C THR D 72 -19.21 -23.78 8.61
N ALA D 73 -18.22 -23.50 7.78
CA ALA D 73 -16.98 -22.86 8.21
C ALA D 73 -17.10 -21.36 8.00
N SER D 74 -16.36 -20.59 8.79
CA SER D 74 -16.33 -19.13 8.66
C SER D 74 -14.89 -18.60 8.73
N LEU D 75 -14.59 -17.65 7.84
CA LEU D 75 -13.36 -16.87 7.92
C LEU D 75 -13.75 -15.46 8.34
N THR D 76 -13.14 -14.99 9.43
CA THR D 76 -13.37 -13.64 9.91
C THR D 76 -12.10 -12.84 9.75
N ILE D 77 -12.23 -11.63 9.19
CA ILE D 77 -11.14 -10.67 9.11
C ILE D 77 -11.51 -9.47 9.94
N SER D 78 -10.78 -9.26 11.05
CA SER D 78 -10.97 -8.09 11.89
C SER D 78 -10.09 -6.99 11.37
N GLY D 79 -10.44 -5.74 11.67
CA GLY D 79 -9.61 -4.60 11.33
C GLY D 79 -9.10 -4.66 9.90
N LEU D 80 -10.04 -4.61 8.95
CA LEU D 80 -9.72 -4.67 7.53
C LEU D 80 -8.68 -3.62 7.13
N GLN D 81 -7.71 -4.05 6.34
CA GLN D 81 -6.71 -3.17 5.76
C GLN D 81 -6.82 -3.30 4.24
N ALA D 82 -6.40 -2.24 3.53
CA ALA D 82 -6.59 -2.15 2.08
C ALA D 82 -6.14 -3.42 1.33
N GLU D 83 -5.00 -3.97 1.76
CA GLU D 83 -4.46 -5.21 1.21
C GLU D 83 -5.29 -6.47 1.40
N ASP D 84 -6.28 -6.45 2.29
CA ASP D 84 -7.19 -7.59 2.47
C ASP D 84 -8.21 -7.75 1.33
N GLU D 85 -8.38 -6.72 0.49
CA GLU D 85 -9.24 -6.81 -0.68
C GLU D 85 -8.71 -7.87 -1.67
N ALA D 86 -9.48 -8.94 -1.84
CA ALA D 86 -9.08 -10.09 -2.62
C ALA D 86 -10.27 -11.07 -2.70
N ASP D 87 -10.09 -12.15 -3.44
CA ASP D 87 -11.03 -13.27 -3.40
C ASP D 87 -10.56 -14.27 -2.34
N TYR D 88 -11.52 -14.92 -1.68
CA TYR D 88 -11.23 -15.89 -0.63
C TYR D 88 -12.00 -17.17 -0.88
N TYR D 89 -11.30 -18.30 -0.79
CA TYR D 89 -11.87 -19.62 -1.04
C TYR D 89 -11.67 -20.49 0.18
N CYS D 90 -12.73 -21.14 0.62
CA CYS D 90 -12.58 -22.22 1.59
C CYS D 90 -12.31 -23.50 0.82
N CYS D 91 -11.81 -24.49 1.55
CA CYS D 91 -11.53 -25.81 0.99
C CYS D 91 -11.72 -26.80 2.10
N SER D 92 -12.27 -27.97 1.78
CA SER D 92 -12.41 -29.03 2.77
C SER D 92 -12.09 -30.38 2.17
N TYR D 93 -11.48 -31.22 3.00
CA TYR D 93 -11.39 -32.64 2.73
C TYR D 93 -12.81 -33.17 2.61
N ALA D 94 -13.05 -34.04 1.63
CA ALA D 94 -14.40 -34.53 1.34
C ALA D 94 -14.47 -36.06 1.31
N GLY D 95 -13.56 -36.72 2.02
CA GLY D 95 -13.54 -38.19 2.11
C GLY D 95 -12.85 -38.87 0.94
N SER D 96 -12.32 -40.07 1.23
CA SER D 96 -11.65 -40.96 0.27
C SER D 96 -10.70 -40.19 -0.67
N TYR D 97 -9.79 -39.44 -0.06
CA TYR D 97 -8.72 -38.73 -0.75
C TYR D 97 -9.22 -37.73 -1.81
N THR D 98 -10.20 -36.91 -1.42
CA THR D 98 -10.72 -35.84 -2.28
C THR D 98 -10.86 -34.54 -1.51
N TYR D 99 -10.79 -33.42 -2.26
CA TYR D 99 -11.01 -32.08 -1.74
C TYR D 99 -12.03 -31.38 -2.61
N VAL D 100 -12.78 -30.46 -2.00
CA VAL D 100 -13.74 -29.63 -2.70
C VAL D 100 -13.51 -28.19 -2.25
N PHE D 101 -13.43 -27.26 -3.21
CA PHE D 101 -13.26 -25.84 -2.91
C PHE D 101 -14.61 -25.15 -2.89
N GLY D 102 -14.70 -24.05 -2.14
CA GLY D 102 -15.88 -23.20 -2.17
C GLY D 102 -15.96 -22.36 -3.42
N THR D 103 -17.13 -21.72 -3.62
CA THR D 103 -17.40 -20.94 -4.84
C THR D 103 -16.69 -19.58 -4.88
N GLY D 104 -16.19 -19.11 -3.75
CA GLY D 104 -15.39 -17.89 -3.67
C GLY D 104 -16.19 -16.67 -3.25
N THR D 105 -15.55 -15.81 -2.46
CA THR D 105 -16.14 -14.55 -2.02
C THR D 105 -15.18 -13.41 -2.31
N LYS D 106 -15.70 -12.35 -2.93
CA LYS D 106 -14.94 -11.11 -3.10
C LYS D 106 -15.08 -10.27 -1.85
N VAL D 107 -13.95 -9.96 -1.21
CA VAL D 107 -13.93 -9.00 -0.10
C VAL D 107 -13.53 -7.64 -0.66
N THR D 108 -14.39 -6.63 -0.48
CA THR D 108 -14.08 -5.25 -0.87
C THR D 108 -13.79 -4.41 0.38
N VAL D 109 -12.63 -3.77 0.42
CA VAL D 109 -12.31 -2.80 1.46
C VAL D 109 -12.78 -1.46 0.93
N LEU D 110 -13.87 -0.96 1.52
CA LEU D 110 -14.61 0.19 0.98
C LEU D 110 -13.78 1.47 0.94
N GLY D 111 -13.58 2.01 -0.26
CA GLY D 111 -12.93 3.31 -0.46
C GLY D 111 -13.78 4.24 -1.32
N ASN D 116 -25.19 0.90 -7.41
CA ASN D 116 -25.58 2.03 -8.24
C ASN D 116 -25.20 1.87 -9.73
N PRO D 117 -25.44 0.69 -10.32
CA PRO D 117 -25.05 0.51 -11.73
C PRO D 117 -25.99 1.24 -12.70
N THR D 118 -25.43 1.86 -13.74
CA THR D 118 -26.18 2.29 -14.90
C THR D 118 -26.20 1.11 -15.86
N VAL D 119 -27.39 0.65 -16.24
CA VAL D 119 -27.57 -0.50 -17.12
C VAL D 119 -28.11 -0.03 -18.47
N THR D 120 -27.41 -0.37 -19.55
CA THR D 120 -27.87 -0.17 -20.91
C THR D 120 -27.98 -1.52 -21.59
N LEU D 121 -29.14 -1.80 -22.18
CA LEU D 121 -29.38 -3.03 -22.92
C LEU D 121 -29.55 -2.67 -24.40
N PHE D 122 -28.70 -3.26 -25.24
CA PHE D 122 -28.76 -3.05 -26.68
C PHE D 122 -29.40 -4.27 -27.34
N PRO D 123 -30.35 -4.05 -28.26
CA PRO D 123 -30.86 -5.18 -29.04
C PRO D 123 -29.88 -5.56 -30.15
N PRO D 124 -30.13 -6.69 -30.86
CA PRO D 124 -29.33 -7.02 -32.03
C PRO D 124 -29.38 -5.89 -33.06
N SER D 125 -28.23 -5.52 -33.63
CA SER D 125 -28.19 -4.56 -34.73
C SER D 125 -28.83 -5.18 -35.96
N SER D 126 -29.45 -4.35 -36.79
CA SER D 126 -30.00 -4.82 -38.06
C SER D 126 -28.89 -5.40 -38.96
N GLU D 127 -27.67 -4.87 -38.86
CA GLU D 127 -26.53 -5.46 -39.54
C GLU D 127 -26.26 -6.91 -39.10
N GLU D 128 -26.28 -7.14 -37.79
CA GLU D 128 -26.06 -8.50 -37.25
C GLU D 128 -27.17 -9.46 -37.64
N LEU D 129 -28.42 -8.98 -37.57
CA LEU D 129 -29.58 -9.77 -38.06
C LEU D 129 -29.46 -10.15 -39.54
N GLN D 130 -28.96 -9.22 -40.37
CA GLN D 130 -28.64 -9.50 -41.79
C GLN D 130 -27.55 -10.60 -41.93
N ALA D 131 -26.64 -10.68 -40.96
CA ALA D 131 -25.67 -11.80 -40.89
C ALA D 131 -26.24 -13.11 -40.31
N ASN D 132 -27.57 -13.21 -40.15
CA ASN D 132 -28.26 -14.37 -39.58
C ASN D 132 -27.81 -14.71 -38.16
N LYS D 133 -27.60 -13.68 -37.36
CA LYS D 133 -27.23 -13.83 -35.95
C LYS D 133 -27.93 -12.75 -35.14
N ALA D 134 -27.95 -12.95 -33.82
CA ALA D 134 -28.57 -12.00 -32.90
C ALA D 134 -27.89 -12.07 -31.54
N THR D 135 -27.37 -10.94 -31.08
CA THR D 135 -26.75 -10.83 -29.76
C THR D 135 -27.35 -9.63 -29.04
N LEU D 136 -27.91 -9.86 -27.87
CA LEU D 136 -28.29 -8.79 -26.96
C LEU D 136 -27.08 -8.49 -26.09
N VAL D 137 -26.79 -7.21 -25.92
CA VAL D 137 -25.62 -6.76 -25.19
C VAL D 137 -26.08 -5.90 -24.00
N CYS D 138 -25.83 -6.41 -22.80
CA CYS D 138 -26.20 -5.70 -21.58
C CYS D 138 -24.93 -5.12 -20.96
N LEU D 139 -24.81 -3.80 -21.03
CA LEU D 139 -23.67 -3.07 -20.43
C LEU D 139 -24.04 -2.51 -19.06
N ILE D 140 -23.21 -2.82 -18.06
CA ILE D 140 -23.41 -2.43 -16.67
C ILE D 140 -22.22 -1.54 -16.31
N SER D 141 -22.48 -0.30 -15.87
CA SER D 141 -21.43 0.68 -15.64
C SER D 141 -21.55 1.43 -14.32
N ASP D 142 -20.42 1.91 -13.82
CA ASP D 142 -20.34 2.85 -12.69
C ASP D 142 -20.94 2.29 -11.41
N PHE D 143 -20.52 1.08 -11.04
CA PHE D 143 -20.96 0.49 -9.77
C PHE D 143 -19.81 0.18 -8.84
N TYR D 144 -20.12 0.16 -7.54
CA TYR D 144 -19.17 -0.15 -6.48
C TYR D 144 -19.98 -0.59 -5.24
N PRO D 145 -19.62 -1.68 -4.53
CA PRO D 145 -18.47 -2.56 -4.85
C PRO D 145 -18.59 -3.31 -6.18
N GLY D 146 -17.46 -3.84 -6.64
CA GLY D 146 -17.36 -4.50 -7.94
C GLY D 146 -17.83 -5.95 -7.92
N ALA D 147 -19.12 -6.14 -7.72
CA ALA D 147 -19.72 -7.48 -7.69
C ALA D 147 -21.22 -7.36 -7.96
N VAL D 148 -21.68 -8.14 -8.94
CA VAL D 148 -23.05 -8.06 -9.43
C VAL D 148 -23.50 -9.44 -9.88
N THR D 149 -24.82 -9.64 -9.89
CA THR D 149 -25.43 -10.84 -10.48
C THR D 149 -26.27 -10.41 -11.68
N VAL D 150 -26.12 -11.13 -12.79
CA VAL D 150 -26.86 -10.85 -14.02
C VAL D 150 -27.75 -12.05 -14.33
N ALA D 151 -29.03 -11.77 -14.56
CA ALA D 151 -30.02 -12.77 -14.95
C ALA D 151 -30.73 -12.26 -16.19
N TRP D 152 -31.02 -13.16 -17.13
CA TRP D 152 -31.71 -12.82 -18.36
C TRP D 152 -33.11 -13.42 -18.35
N LYS D 153 -34.07 -12.69 -18.93
CA LYS D 153 -35.44 -13.16 -19.04
C LYS D 153 -35.99 -12.95 -20.45
N ALA D 154 -36.83 -13.89 -20.90
CA ALA D 154 -37.55 -13.80 -22.16
C ALA D 154 -39.04 -13.89 -21.86
N ASP D 155 -39.75 -12.77 -22.05
CA ASP D 155 -41.18 -12.67 -21.69
C ASP D 155 -41.42 -13.00 -20.20
N GLY D 156 -40.54 -12.48 -19.33
CA GLY D 156 -40.64 -12.72 -17.88
C GLY D 156 -40.18 -14.08 -17.37
N SER D 157 -39.58 -14.89 -18.25
CA SER D 157 -39.19 -16.26 -17.96
C SER D 157 -37.67 -16.38 -18.03
N PRO D 158 -37.00 -16.90 -16.96
CA PRO D 158 -35.53 -17.03 -16.95
C PRO D 158 -34.94 -17.74 -18.18
N VAL D 159 -33.86 -17.19 -18.72
CA VAL D 159 -33.14 -17.78 -19.84
C VAL D 159 -31.70 -18.05 -19.41
N LYS D 160 -31.32 -19.34 -19.36
CA LYS D 160 -29.97 -19.75 -18.99
C LYS D 160 -29.05 -19.91 -20.19
N ALA D 161 -29.58 -20.54 -21.24
CA ALA D 161 -28.78 -20.91 -22.42
C ALA D 161 -28.33 -19.69 -23.23
N GLY D 162 -27.12 -19.77 -23.77
CA GLY D 162 -26.56 -18.72 -24.63
C GLY D 162 -26.14 -17.46 -23.90
N VAL D 163 -25.85 -17.56 -22.61
CA VAL D 163 -25.48 -16.41 -21.78
C VAL D 163 -23.97 -16.44 -21.50
N GLU D 164 -23.33 -15.29 -21.65
CA GLU D 164 -21.92 -15.12 -21.31
C GLU D 164 -21.74 -13.78 -20.63
N THR D 165 -21.08 -13.77 -19.47
CA THR D 165 -20.98 -12.59 -18.60
C THR D 165 -19.52 -12.39 -18.16
N THR D 166 -19.06 -11.15 -18.17
CA THR D 166 -17.68 -10.83 -17.76
C THR D 166 -17.62 -10.48 -16.28
N LYS D 167 -16.52 -10.88 -15.63
CA LYS D 167 -16.24 -10.51 -14.24
C LYS D 167 -16.07 -8.98 -14.21
N PRO D 168 -16.62 -8.30 -13.20
CA PRO D 168 -16.46 -6.83 -13.18
C PRO D 168 -14.99 -6.38 -13.17
N SER D 169 -14.67 -5.38 -13.98
CA SER D 169 -13.32 -4.81 -14.06
C SER D 169 -13.40 -3.30 -13.85
N LYS D 170 -12.34 -2.73 -13.26
CA LYS D 170 -12.28 -1.29 -12.96
C LYS D 170 -12.31 -0.45 -14.24
N GLN D 171 -13.12 0.61 -14.23
CA GLN D 171 -13.12 1.65 -15.26
C GLN D 171 -11.99 2.63 -14.96
N SER D 172 -11.73 3.56 -15.89
CA SER D 172 -10.71 4.60 -15.68
C SER D 172 -11.04 5.56 -14.53
N ASN D 173 -12.33 5.70 -14.19
CA ASN D 173 -12.75 6.53 -13.03
C ASN D 173 -12.81 5.79 -11.67
N ASN D 174 -12.30 4.55 -11.63
CA ASN D 174 -12.19 3.73 -10.40
C ASN D 174 -13.46 3.03 -9.89
N LYS D 175 -14.60 3.24 -10.55
CA LYS D 175 -15.77 2.38 -10.37
C LYS D 175 -15.67 1.17 -11.31
N TYR D 176 -16.58 0.23 -11.17
CA TYR D 176 -16.56 -1.01 -11.96
C TYR D 176 -17.56 -1.02 -13.11
N ALA D 177 -17.26 -1.83 -14.11
CA ALA D 177 -18.17 -2.13 -15.19
C ALA D 177 -18.14 -3.63 -15.46
N ALA D 178 -19.26 -4.14 -15.97
CA ALA D 178 -19.36 -5.53 -16.41
C ALA D 178 -20.26 -5.59 -17.64
N SER D 179 -20.20 -6.71 -18.35
CA SER D 179 -20.97 -6.90 -19.57
C SER D 179 -21.55 -8.31 -19.62
N SER D 180 -22.74 -8.43 -20.20
CA SER D 180 -23.38 -9.73 -20.43
C SER D 180 -23.95 -9.80 -21.85
N TYR D 181 -23.82 -10.97 -22.47
CA TYR D 181 -24.28 -11.22 -23.83
C TYR D 181 -25.25 -12.36 -23.81
N LEU D 182 -26.41 -12.16 -24.44
CA LEU D 182 -27.35 -13.23 -24.72
C LEU D 182 -27.33 -13.47 -26.23
N SER D 183 -26.88 -14.66 -26.64
CA SER D 183 -26.83 -15.03 -28.05
C SER D 183 -28.09 -15.79 -28.45
N LEU D 184 -28.80 -15.28 -29.45
CA LEU D 184 -30.03 -15.91 -29.99
C LEU D 184 -29.93 -16.08 -31.49
N THR D 185 -30.83 -16.87 -32.06
CA THR D 185 -31.06 -16.85 -33.50
C THR D 185 -32.03 -15.70 -33.78
N PRO D 186 -32.02 -15.15 -35.01
CA PRO D 186 -32.98 -14.11 -35.38
C PRO D 186 -34.46 -14.50 -35.14
N GLU D 187 -34.78 -15.77 -35.36
CA GLU D 187 -36.12 -16.29 -35.18
C GLU D 187 -36.53 -16.28 -33.70
N GLN D 188 -35.61 -16.71 -32.83
CA GLN D 188 -35.83 -16.63 -31.37
C GLN D 188 -36.09 -15.19 -30.92
N TRP D 189 -35.25 -14.28 -31.42
CA TRP D 189 -35.38 -12.84 -31.17
C TRP D 189 -36.76 -12.30 -31.54
N LYS D 190 -37.22 -12.65 -32.75
CA LYS D 190 -38.53 -12.23 -33.25
C LYS D 190 -39.74 -12.94 -32.62
N SER D 191 -39.56 -14.19 -32.20
CA SER D 191 -40.66 -15.00 -31.66
C SER D 191 -41.20 -14.46 -30.34
N HIS D 192 -40.31 -13.96 -29.48
CA HIS D 192 -40.68 -13.46 -28.14
C HIS D 192 -41.06 -11.98 -28.16
N ARG D 193 -41.98 -11.62 -27.26
CA ARG D 193 -42.46 -10.23 -27.13
C ARG D 193 -41.40 -9.31 -26.55
N SER D 194 -40.62 -9.82 -25.60
CA SER D 194 -39.73 -9.00 -24.83
C SER D 194 -38.53 -9.78 -24.29
N TYR D 195 -37.44 -9.05 -24.03
CA TYR D 195 -36.25 -9.60 -23.39
C TYR D 195 -35.75 -8.62 -22.35
N SER D 196 -35.29 -9.14 -21.21
CA SER D 196 -34.83 -8.29 -20.11
C SER D 196 -33.44 -8.70 -19.62
N CYS D 197 -32.65 -7.70 -19.23
CA CYS D 197 -31.39 -7.89 -18.51
C CYS D 197 -31.60 -7.39 -17.09
N GLN D 198 -31.43 -8.26 -16.11
CA GLN D 198 -31.71 -7.97 -14.71
C GLN D 198 -30.39 -7.97 -13.93
N VAL D 199 -30.03 -6.81 -13.38
CA VAL D 199 -28.77 -6.62 -12.68
C VAL D 199 -29.06 -6.43 -11.20
N THR D 200 -28.49 -7.28 -10.34
CA THR D 200 -28.66 -7.16 -8.89
C THR D 200 -27.33 -6.68 -8.29
N HIS D 201 -27.39 -5.60 -7.52
CA HIS D 201 -26.21 -4.97 -6.92
C HIS D 201 -26.51 -4.47 -5.52
N GLU D 202 -25.95 -5.14 -4.51
CA GLU D 202 -26.08 -4.75 -3.09
C GLU D 202 -27.55 -4.65 -2.69
N GLY D 203 -28.29 -5.74 -2.93
CA GLY D 203 -29.71 -5.83 -2.58
C GLY D 203 -30.68 -5.30 -3.62
N SER D 204 -30.31 -4.20 -4.30
CA SER D 204 -31.18 -3.52 -5.26
C SER D 204 -31.04 -4.13 -6.66
N THR D 205 -32.14 -4.12 -7.40
CA THR D 205 -32.18 -4.66 -8.77
C THR D 205 -32.57 -3.59 -9.78
N VAL D 206 -31.81 -3.52 -10.86
CA VAL D 206 -32.11 -2.68 -12.01
C VAL D 206 -32.43 -3.60 -13.18
N GLU D 207 -33.56 -3.35 -13.83
CA GLU D 207 -33.99 -4.13 -14.99
C GLU D 207 -34.14 -3.21 -16.21
N LYS D 208 -33.61 -3.64 -17.34
CA LYS D 208 -33.86 -2.99 -18.63
C LYS D 208 -34.46 -4.01 -19.58
N THR D 209 -35.32 -3.52 -20.47
CA THR D 209 -36.13 -4.37 -21.35
C THR D 209 -36.02 -3.87 -22.78
N VAL D 210 -36.05 -4.81 -23.73
CA VAL D 210 -35.99 -4.48 -25.15
C VAL D 210 -36.84 -5.47 -25.95
N ALA D 211 -37.37 -5.01 -27.09
CA ALA D 211 -38.30 -5.80 -27.92
C ALA D 211 -38.08 -5.55 -29.41
N PRO D 212 -38.31 -6.59 -30.26
CA PRO D 212 -38.09 -6.44 -31.71
C PRO D 212 -38.99 -5.39 -32.38
#